data_5URB
#
_entry.id   5URB
#
_cell.length_a   69.910
_cell.length_b   108.410
_cell.length_c   78.570
_cell.angle_alpha   90.000
_cell.angle_beta   90.690
_cell.angle_gamma   90.000
#
_symmetry.space_group_name_H-M   'P 1 21 1'
#
loop_
_entity.id
_entity.type
_entity.pdbx_description
1 polymer 'Methionine--tRNA ligase'
2 non-polymer 'SODIUM ION'
3 non-polymer 'ZINC ION'
4 non-polymer METHIONINE
5 non-polymer 1,2-ETHANEDIOL
6 non-polymer 'NITRATE ION'
7 water water
#
_entity_poly.entity_id   1
_entity_poly.type   'polypeptide(L)'
_entity_poly.pdbx_seq_one_letter_code
;MAHHHHHHMGTLEAQTQGPGSMRKILVTNALPYANGPIHMGHLLGYIQADIWVRAMRAMGHDVTYVCADDAHGTAIMLRA
EANGISPEEQIANVQKEHIRDFDGFGVHFDHYDSTHSDANKARSTDIYIKNREAGNIAVRPVTQLFDPEKGMFLSDRFIK
GTCPKCKSEDQYGDSCEVCGTTYNATELLNPRSTLSGATPVEKSSDHYFFKLPNFAEYLQKWTRDEGRLPLSIANKLDEW
FEAGLADWDISRDAPYFGFEIPDAPNKYFYVWVDAPIGYMSSFENYIKTKRPDLNFDDFWKKDSQNEVYHFIGKDIVYFH
ALFWPAMLEGANYRTPTGLFVNGFLTVNGQKMSKSRGTFIKAETYLQHLNPEYLRYYFASKLSDKVEDSDLNLDDFVQKV
NSDLVGKVVNIASRCAKFINSSFNNTLSSTCAESDLVQSFIDAGDSIAAAYEAREFSTAIREIMALADRANQYIDEKKPW
ALAKQEGQEQQVLDVCSVGINLFRQLAVYLAPVLPTLAQQVQDFLKLESFDFESRKQILVSHEIAQFQPLMQRVDPKAVA
AMVDASK
;
_entity_poly.pdbx_strand_id   A,B
#
loop_
_chem_comp.id
_chem_comp.type
_chem_comp.name
_chem_comp.formula
EDO non-polymer 1,2-ETHANEDIOL 'C2 H6 O2'
NA non-polymer 'SODIUM ION' 'Na 1'
NO3 non-polymer 'NITRATE ION' 'N O3 -1'
ZN non-polymer 'ZINC ION' 'Zn 2'
#
# COMPACT_ATOMS: atom_id res chain seq x y z
N MET A 22 19.96 -11.33 -6.62
CA MET A 22 19.28 -12.62 -6.55
C MET A 22 17.94 -12.60 -7.29
N ARG A 23 17.20 -11.48 -7.21
CA ARG A 23 15.94 -11.39 -7.92
C ARG A 23 16.19 -11.20 -9.42
N LYS A 24 15.55 -12.03 -10.23
CA LYS A 24 15.54 -11.84 -11.66
C LYS A 24 14.44 -10.85 -12.05
N ILE A 25 14.58 -10.23 -13.22
CA ILE A 25 13.70 -9.16 -13.65
C ILE A 25 13.12 -9.50 -15.01
N LEU A 26 11.82 -9.25 -15.19
CA LEU A 26 11.16 -9.33 -16.48
C LEU A 26 10.68 -7.93 -16.85
N VAL A 27 11.05 -7.46 -18.04
CA VAL A 27 10.73 -6.10 -18.48
C VAL A 27 9.99 -6.19 -19.81
N THR A 28 8.97 -5.35 -19.98
CA THR A 28 8.25 -5.24 -21.23
C THR A 28 8.17 -3.78 -21.67
N ASN A 29 7.95 -3.58 -22.96
CA ASN A 29 7.40 -2.35 -23.53
C ASN A 29 5.96 -2.60 -23.95
N ALA A 30 5.20 -1.50 -24.03
CA ALA A 30 3.86 -1.58 -24.58
C ALA A 30 3.87 -2.23 -25.96
N LEU A 31 2.81 -2.96 -26.26
CA LEU A 31 2.72 -3.70 -27.51
C LEU A 31 2.14 -2.80 -28.60
N PRO A 32 2.86 -2.51 -29.68
CA PRO A 32 2.28 -1.63 -30.70
C PRO A 32 1.21 -2.36 -31.51
N TYR A 33 0.17 -1.61 -31.88
CA TYR A 33 -0.85 -2.16 -32.77
C TYR A 33 -0.27 -2.50 -34.13
N ALA A 34 -0.77 -3.58 -34.73
CA ALA A 34 -0.31 -4.00 -36.06
C ALA A 34 -1.05 -3.30 -37.17
N ASN A 35 -1.33 -2.00 -37.03
CA ASN A 35 -2.13 -1.27 -38.00
C ASN A 35 -1.38 -0.12 -38.65
N GLY A 36 -0.11 0.06 -38.36
CA GLY A 36 0.67 1.12 -38.96
C GLY A 36 2.09 1.07 -38.45
N PRO A 37 2.94 1.95 -38.98
CA PRO A 37 4.37 1.90 -38.65
C PRO A 37 4.68 2.54 -37.31
N ILE A 38 5.86 2.18 -36.79
CA ILE A 38 6.40 2.85 -35.61
C ILE A 38 6.80 4.27 -35.98
N HIS A 39 6.40 5.24 -35.15
CA HIS A 39 6.77 6.62 -35.35
C HIS A 39 7.78 7.07 -34.30
N MET A 40 8.46 8.17 -34.60
CA MET A 40 9.54 8.65 -33.74
C MET A 40 9.04 8.98 -32.34
N GLY A 41 7.79 9.43 -32.21
CA GLY A 41 7.27 9.76 -30.89
C GLY A 41 7.12 8.56 -29.99
N HIS A 42 6.73 7.41 -30.55
CA HIS A 42 6.62 6.21 -29.76
C HIS A 42 8.00 5.63 -29.39
N LEU A 43 9.04 5.98 -30.13
CA LEU A 43 10.36 5.44 -29.82
C LEU A 43 10.85 5.85 -28.44
N LEU A 44 10.31 6.94 -27.89
CA LEU A 44 10.82 7.44 -26.62
C LEU A 44 10.78 6.37 -25.55
N GLY A 45 9.64 5.71 -25.38
CA GLY A 45 9.53 4.67 -24.38
C GLY A 45 10.31 3.42 -24.70
N TYR A 46 10.41 3.06 -25.98
CA TYR A 46 11.18 1.86 -26.35
C TYR A 46 12.66 2.06 -26.08
N ILE A 47 13.18 3.23 -26.45
CA ILE A 47 14.59 3.53 -26.18
C ILE A 47 14.83 3.63 -24.67
N GLN A 48 13.89 4.26 -23.95
CA GLN A 48 14.03 4.35 -22.49
C GLN A 48 14.16 2.96 -21.89
N ALA A 49 13.28 2.05 -22.29
CA ALA A 49 13.30 0.70 -21.73
C ALA A 49 14.57 -0.03 -22.11
N ASP A 50 14.98 0.06 -23.38
CA ASP A 50 16.17 -0.65 -23.82
C ASP A 50 17.41 -0.17 -23.09
N ILE A 51 17.56 1.15 -22.91
CA ILE A 51 18.68 1.67 -22.12
C ILE A 51 18.67 1.05 -20.72
N TRP A 52 17.49 1.02 -20.09
CA TRP A 52 17.40 0.50 -18.73
C TRP A 52 17.83 -0.96 -18.69
N VAL A 53 17.31 -1.76 -19.62
CA VAL A 53 17.64 -3.17 -19.67
C VAL A 53 19.14 -3.36 -19.84
N ARG A 54 19.75 -2.63 -20.77
CA ARG A 54 21.18 -2.79 -21.01
C ARG A 54 21.99 -2.35 -19.80
N ALA A 55 21.59 -1.26 -19.16
CA ALA A 55 22.33 -0.80 -18.00
C ALA A 55 22.19 -1.80 -16.85
N MET A 56 20.96 -2.29 -16.59
CA MET A 56 20.79 -3.28 -15.52
C MET A 56 21.62 -4.52 -15.79
N ARG A 57 21.65 -4.98 -17.03
CA ARG A 57 22.49 -6.14 -17.37
C ARG A 57 23.96 -5.81 -17.19
N ALA A 58 24.38 -4.60 -17.56
CA ALA A 58 25.79 -4.23 -17.39
C ALA A 58 26.18 -4.18 -15.92
N MET A 59 25.20 -4.02 -15.02
CA MET A 59 25.35 -4.04 -13.57
CA MET A 59 25.44 -4.04 -13.59
C MET A 59 25.30 -5.44 -12.99
N GLY A 60 25.12 -6.47 -13.80
CA GLY A 60 25.09 -7.83 -13.34
C GLY A 60 23.73 -8.42 -13.06
N HIS A 61 22.64 -7.71 -13.35
CA HIS A 61 21.31 -8.26 -13.12
C HIS A 61 20.88 -9.21 -14.24
N ASP A 62 20.04 -10.16 -13.86
CA ASP A 62 19.44 -11.13 -14.77
C ASP A 62 18.15 -10.51 -15.28
N VAL A 63 18.16 -10.00 -16.52
CA VAL A 63 17.03 -9.25 -17.05
C VAL A 63 16.54 -9.90 -18.34
N THR A 64 15.24 -10.19 -18.39
CA THR A 64 14.57 -10.68 -19.58
C THR A 64 13.68 -9.57 -20.12
N TYR A 65 13.66 -9.40 -21.44
CA TYR A 65 13.13 -8.19 -22.06
C TYR A 65 12.34 -8.61 -23.28
N VAL A 66 11.00 -8.50 -23.23
CA VAL A 66 10.17 -9.01 -24.31
C VAL A 66 9.11 -7.99 -24.71
N CYS A 67 8.62 -8.17 -25.94
CA CYS A 67 7.54 -7.36 -26.47
C CYS A 67 6.79 -8.20 -27.50
N ALA A 68 5.86 -7.58 -28.22
CA ALA A 68 5.03 -8.30 -29.18
C ALA A 68 4.17 -7.28 -29.89
N ASP A 69 3.67 -7.65 -31.07
CA ASP A 69 2.66 -6.86 -31.73
C ASP A 69 1.27 -7.12 -31.15
N ASP A 70 0.50 -6.04 -30.99
CA ASP A 70 -0.90 -6.08 -30.56
C ASP A 70 -1.72 -6.29 -31.83
N ALA A 71 -2.23 -7.52 -32.05
CA ALA A 71 -2.66 -7.98 -33.37
C ALA A 71 -4.15 -7.96 -33.61
N HIS A 72 -4.98 -7.75 -32.59
CA HIS A 72 -6.41 -8.00 -32.73
C HIS A 72 -7.20 -6.70 -32.89
N GLY A 73 -8.44 -6.82 -33.33
CA GLY A 73 -9.40 -5.75 -33.20
C GLY A 73 -9.87 -5.21 -34.54
N THR A 74 -10.91 -4.39 -34.46
CA THR A 74 -11.56 -3.87 -35.66
C THR A 74 -10.62 -2.97 -36.45
N ALA A 75 -9.82 -2.15 -35.77
CA ALA A 75 -8.89 -1.26 -36.45
C ALA A 75 -7.91 -2.04 -37.31
N ILE A 76 -7.51 -3.23 -36.87
CA ILE A 76 -6.59 -4.02 -37.65
C ILE A 76 -7.30 -4.70 -38.83
N MET A 77 -8.56 -5.10 -38.65
CA MET A 77 -9.36 -5.56 -39.78
C MET A 77 -9.50 -4.46 -40.85
N LEU A 78 -9.71 -3.21 -40.42
CA LEU A 78 -9.86 -2.11 -41.38
C LEU A 78 -8.59 -1.90 -42.18
N ARG A 79 -7.43 -1.97 -41.54
CA ARG A 79 -6.18 -1.85 -42.28
C ARG A 79 -6.01 -3.00 -43.26
N ALA A 80 -6.29 -4.22 -42.82
CA ALA A 80 -6.11 -5.39 -43.68
C ALA A 80 -6.92 -5.26 -44.96
N GLU A 81 -8.20 -4.90 -44.83
CA GLU A 81 -9.05 -4.70 -45.99
C GLU A 81 -8.58 -3.53 -46.83
N ALA A 82 -8.15 -2.43 -46.19
CA ALA A 82 -7.57 -1.32 -46.93
C ALA A 82 -6.39 -1.77 -47.76
N ASN A 83 -5.60 -2.71 -47.24
CA ASN A 83 -4.42 -3.22 -47.94
C ASN A 83 -4.72 -4.46 -48.79
N GLY A 84 -5.98 -4.89 -48.87
CA GLY A 84 -6.36 -5.97 -49.76
C GLY A 84 -5.94 -7.35 -49.32
N ILE A 85 -5.64 -7.56 -48.04
CA ILE A 85 -5.09 -8.81 -47.55
C ILE A 85 -5.89 -9.27 -46.34
N SER A 86 -5.59 -10.49 -45.90
CA SER A 86 -6.24 -11.04 -44.72
C SER A 86 -5.66 -10.41 -43.46
N PRO A 87 -6.39 -10.46 -42.35
CA PRO A 87 -5.80 -10.03 -41.07
C PRO A 87 -4.50 -10.74 -40.77
N GLU A 88 -4.44 -12.04 -41.03
CA GLU A 88 -3.24 -12.82 -40.72
C GLU A 88 -2.05 -12.36 -41.53
N GLU A 89 -2.25 -12.01 -42.81
CA GLU A 89 -1.14 -11.47 -43.58
C GLU A 89 -0.82 -10.04 -43.17
N GLN A 90 -1.83 -9.27 -42.76
CA GLN A 90 -1.59 -7.90 -42.31
C GLN A 90 -0.68 -7.89 -41.09
N ILE A 91 -1.02 -8.69 -40.08
CA ILE A 91 -0.21 -8.65 -38.86
C ILE A 91 1.16 -9.28 -39.11
N ALA A 92 1.25 -10.28 -39.99
CA ALA A 92 2.57 -10.83 -40.32
C ALA A 92 3.46 -9.77 -40.96
N ASN A 93 2.88 -8.95 -41.85
CA ASN A 93 3.64 -7.88 -42.50
C ASN A 93 4.11 -6.85 -41.50
N VAL A 94 3.20 -6.36 -40.66
CA VAL A 94 3.57 -5.27 -39.77
C VAL A 94 4.53 -5.74 -38.68
N GLN A 95 4.43 -7.02 -38.26
CA GLN A 95 5.37 -7.50 -37.26
C GLN A 95 6.80 -7.41 -37.77
N LYS A 96 7.01 -7.81 -39.02
CA LYS A 96 8.34 -7.74 -39.61
C LYS A 96 8.82 -6.30 -39.68
N GLU A 97 7.93 -5.37 -40.06
CA GLU A 97 8.28 -3.96 -40.12
C GLU A 97 8.66 -3.42 -38.74
N HIS A 98 7.87 -3.74 -37.72
CA HIS A 98 8.16 -3.25 -36.38
C HIS A 98 9.51 -3.78 -35.90
N ILE A 99 9.74 -5.08 -36.06
CA ILE A 99 11.01 -5.67 -35.63
C ILE A 99 12.17 -4.99 -36.35
N ARG A 100 12.05 -4.81 -37.67
CA ARG A 100 13.05 -4.08 -38.45
C ARG A 100 13.36 -2.72 -37.82
N ASP A 101 12.32 -1.96 -37.47
CA ASP A 101 12.57 -0.62 -36.96
C ASP A 101 13.13 -0.65 -35.53
N PHE A 102 12.60 -1.52 -34.67
CA PHE A 102 13.16 -1.64 -33.33
C PHE A 102 14.64 -2.02 -33.40
N ASP A 103 14.97 -3.00 -34.24
CA ASP A 103 16.36 -3.43 -34.38
C ASP A 103 17.24 -2.30 -34.89
N GLY A 104 16.73 -1.52 -35.83
CA GLY A 104 17.49 -0.40 -36.37
C GLY A 104 17.84 0.64 -35.31
N PHE A 105 17.01 0.77 -34.29
CA PHE A 105 17.29 1.71 -33.21
C PHE A 105 17.99 1.06 -32.03
N GLY A 106 18.46 -0.17 -32.18
CA GLY A 106 19.11 -0.83 -31.06
C GLY A 106 18.18 -1.27 -29.97
N VAL A 107 16.86 -1.20 -30.20
CA VAL A 107 15.89 -1.73 -29.24
C VAL A 107 15.86 -3.24 -29.46
N HIS A 108 16.63 -3.99 -28.68
CA HIS A 108 16.84 -5.42 -28.93
CA HIS A 108 16.85 -5.42 -28.95
C HIS A 108 16.14 -6.22 -27.86
N PHE A 109 14.97 -6.75 -28.20
CA PHE A 109 14.25 -7.60 -27.26
C PHE A 109 14.86 -8.99 -27.27
N ASP A 110 14.72 -9.69 -26.14
CA ASP A 110 15.06 -11.11 -26.13
C ASP A 110 14.13 -11.89 -27.04
N HIS A 111 12.89 -11.42 -27.21
CA HIS A 111 11.90 -12.15 -27.96
C HIS A 111 10.81 -11.17 -28.37
N TYR A 112 10.29 -11.33 -29.59
CA TYR A 112 9.20 -10.47 -30.06
C TYR A 112 8.09 -11.36 -30.62
N ASP A 113 6.93 -11.35 -29.98
CA ASP A 113 5.89 -12.30 -30.33
C ASP A 113 4.67 -11.58 -30.92
N SER A 114 3.49 -12.13 -30.69
CA SER A 114 2.25 -11.62 -31.26
C SER A 114 1.15 -11.95 -30.26
N THR A 115 0.19 -11.02 -30.08
CA THR A 115 -0.95 -11.37 -29.24
C THR A 115 -1.84 -12.41 -29.91
N HIS A 116 -1.62 -12.70 -31.20
CA HIS A 116 -2.39 -13.71 -31.89
C HIS A 116 -1.83 -15.12 -31.68
N SER A 117 -0.72 -15.27 -30.95
CA SER A 117 -0.07 -16.56 -30.84
C SER A 117 -0.98 -17.57 -30.13
N ASP A 118 -0.73 -18.86 -30.38
CA ASP A 118 -1.43 -19.93 -29.67
C ASP A 118 -1.19 -19.84 -28.17
N ALA A 119 0.03 -19.47 -27.77
CA ALA A 119 0.32 -19.27 -26.35
C ALA A 119 -0.61 -18.22 -25.76
N ASN A 120 -0.86 -17.14 -26.51
CA ASN A 120 -1.72 -16.09 -25.95
C ASN A 120 -3.18 -16.49 -25.98
N LYS A 121 -3.59 -17.27 -26.98
CA LYS A 121 -4.95 -17.80 -26.99
C LYS A 121 -5.19 -18.66 -25.76
N ALA A 122 -4.23 -19.53 -25.44
CA ALA A 122 -4.40 -20.43 -24.29
C ALA A 122 -4.42 -19.65 -22.99
N ARG A 123 -3.51 -18.70 -22.83
CA ARG A 123 -3.46 -17.95 -21.58
C ARG A 123 -4.67 -17.04 -21.42
N SER A 124 -5.18 -16.49 -22.53
CA SER A 124 -6.41 -15.68 -22.47
C SER A 124 -7.58 -16.52 -22.00
N THR A 125 -7.72 -17.73 -22.54
CA THR A 125 -8.78 -18.63 -22.08
C THR A 125 -8.59 -18.97 -20.60
N ASP A 126 -7.36 -19.24 -20.18
CA ASP A 126 -7.09 -19.61 -18.79
C ASP A 126 -7.48 -18.50 -17.84
N ILE A 127 -7.08 -17.26 -18.14
CA ILE A 127 -7.36 -16.14 -17.25
C ILE A 127 -8.86 -15.86 -17.23
N TYR A 128 -9.51 -15.91 -18.39
CA TYR A 128 -10.95 -15.71 -18.44
C TYR A 128 -11.69 -16.78 -17.65
N ILE A 129 -11.39 -18.05 -17.90
N ILE A 129 -11.40 -18.06 -17.89
CA ILE A 129 -12.14 -19.13 -17.24
CA ILE A 129 -12.17 -19.12 -17.24
C ILE A 129 -11.96 -19.07 -15.74
C ILE A 129 -11.96 -19.07 -15.72
N LYS A 130 -10.73 -18.82 -15.28
CA LYS A 130 -10.47 -18.72 -13.84
C LYS A 130 -11.24 -17.57 -13.24
N ASN A 131 -11.32 -16.43 -13.95
CA ASN A 131 -12.12 -15.30 -13.46
C ASN A 131 -13.59 -15.62 -13.50
N ARG A 132 -14.04 -16.34 -14.53
CA ARG A 132 -15.45 -16.67 -14.62
C ARG A 132 -15.87 -17.57 -13.46
N GLU A 133 -15.06 -18.59 -13.17
CA GLU A 133 -15.43 -19.52 -12.12
C GLU A 133 -15.25 -18.91 -10.74
N ALA A 134 -14.40 -17.90 -10.59
CA ALA A 134 -14.24 -17.18 -9.33
C ALA A 134 -15.35 -16.18 -9.07
N GLY A 135 -16.18 -15.87 -10.07
CA GLY A 135 -17.30 -14.99 -9.89
C GLY A 135 -17.14 -13.58 -10.45
N ASN A 136 -16.10 -13.33 -11.26
CA ASN A 136 -15.80 -11.99 -11.75
C ASN A 136 -16.35 -11.71 -13.13
N ILE A 137 -17.21 -12.58 -13.69
CA ILE A 137 -17.75 -12.37 -15.03
C ILE A 137 -19.27 -12.35 -14.94
N ALA A 138 -19.89 -11.36 -15.57
CA ALA A 138 -21.34 -11.33 -15.73
C ALA A 138 -21.67 -11.25 -17.21
N VAL A 139 -22.82 -11.80 -17.60
CA VAL A 139 -23.32 -11.69 -18.96
C VAL A 139 -24.71 -11.09 -18.89
N ARG A 140 -24.98 -10.14 -19.78
CA ARG A 140 -26.30 -9.54 -19.79
CA ARG A 140 -26.31 -9.56 -19.79
C ARG A 140 -26.58 -8.95 -21.16
N PRO A 141 -27.84 -8.91 -21.58
CA PRO A 141 -28.17 -8.22 -22.83
C PRO A 141 -27.99 -6.73 -22.66
N VAL A 142 -27.35 -6.09 -23.65
CA VAL A 142 -27.25 -4.64 -23.64
C VAL A 142 -27.73 -4.12 -24.99
N THR A 143 -28.23 -2.89 -24.96
CA THR A 143 -28.62 -2.21 -26.19
C THR A 143 -27.38 -1.66 -26.85
N GLN A 144 -27.20 -1.95 -28.14
CA GLN A 144 -26.00 -1.50 -28.84
C GLN A 144 -26.34 -1.00 -30.23
N LEU A 145 -25.59 0.01 -30.66
CA LEU A 145 -25.73 0.53 -32.01
C LEU A 145 -25.16 -0.46 -33.02
N PHE A 146 -25.84 -0.57 -34.15
CA PHE A 146 -25.58 -1.60 -35.16
C PHE A 146 -25.57 -0.92 -36.51
N ASP A 147 -24.51 -1.17 -37.30
CA ASP A 147 -24.43 -0.61 -38.65
C ASP A 147 -25.18 -1.51 -39.62
N PRO A 148 -26.34 -1.09 -40.13
CA PRO A 148 -27.13 -2.01 -40.97
C PRO A 148 -26.49 -2.29 -42.31
N GLU A 149 -25.73 -1.34 -42.85
CA GLU A 149 -25.01 -1.59 -44.11
C GLU A 149 -23.95 -2.65 -43.94
N LYS A 150 -23.09 -2.49 -42.93
CA LYS A 150 -21.97 -3.41 -42.73
C LYS A 150 -22.36 -4.65 -41.94
N GLY A 151 -23.58 -4.71 -41.40
CA GLY A 151 -23.99 -5.83 -40.57
C GLY A 151 -23.07 -6.06 -39.40
N MET A 152 -22.73 -5.00 -38.67
CA MET A 152 -21.77 -5.07 -37.58
C MET A 152 -22.29 -4.27 -36.39
N PHE A 153 -22.17 -4.85 -35.21
CA PHE A 153 -22.33 -4.07 -33.99
C PHE A 153 -21.16 -3.11 -33.85
N LEU A 154 -21.47 -1.91 -33.37
CA LEU A 154 -20.53 -0.82 -33.33
C LEU A 154 -20.04 -0.61 -31.91
N SER A 155 -18.72 -0.61 -31.72
CA SER A 155 -18.15 -0.22 -30.45
CA SER A 155 -18.15 -0.21 -30.44
C SER A 155 -17.90 1.29 -30.45
N ASP A 156 -17.63 1.83 -29.26
CA ASP A 156 -17.70 3.27 -29.03
C ASP A 156 -16.81 4.06 -29.98
N ARG A 157 -15.64 3.52 -30.34
CA ARG A 157 -14.71 4.30 -31.15
C ARG A 157 -15.06 4.27 -32.64
N PHE A 158 -16.15 3.62 -33.03
CA PHE A 158 -16.61 3.61 -34.42
C PHE A 158 -17.99 4.23 -34.55
N ILE A 159 -18.37 5.04 -33.56
CA ILE A 159 -19.62 5.79 -33.54
C ILE A 159 -19.27 7.25 -33.30
N LYS A 160 -19.86 8.16 -34.07
CA LYS A 160 -19.77 9.58 -33.76
C LYS A 160 -21.18 10.17 -33.71
N GLY A 161 -21.33 11.21 -32.91
CA GLY A 161 -22.62 11.87 -32.78
C GLY A 161 -22.51 13.12 -31.92
N THR A 162 -23.69 13.64 -31.56
CA THR A 162 -23.80 14.89 -30.82
C THR A 162 -23.84 14.60 -29.33
N CYS A 163 -22.93 15.22 -28.58
CA CYS A 163 -22.88 15.04 -27.13
C CYS A 163 -24.22 15.44 -26.52
N PRO A 164 -24.82 14.60 -25.67
CA PRO A 164 -26.13 14.97 -25.10
C PRO A 164 -26.03 16.16 -24.15
N LYS A 165 -24.87 16.37 -23.54
CA LYS A 165 -24.72 17.42 -22.54
C LYS A 165 -24.48 18.79 -23.18
N CYS A 166 -23.42 18.91 -23.98
CA CYS A 166 -23.06 20.21 -24.52
C CYS A 166 -23.48 20.39 -25.97
N LYS A 167 -23.98 19.34 -26.62
CA LYS A 167 -24.52 19.37 -27.99
C LYS A 167 -23.44 19.57 -29.04
N SER A 168 -22.17 19.32 -28.69
CA SER A 168 -21.10 19.42 -29.68
C SER A 168 -21.18 18.24 -30.64
N GLU A 169 -20.96 18.52 -31.92
CA GLU A 169 -20.95 17.50 -32.95
C GLU A 169 -19.68 16.65 -32.89
N ASP A 170 -19.73 15.48 -33.56
CA ASP A 170 -18.53 14.72 -33.95
C ASP A 170 -17.81 14.06 -32.77
N GLN A 171 -18.53 13.72 -31.70
CA GLN A 171 -17.94 13.08 -30.52
C GLN A 171 -18.09 11.57 -30.59
N TYR A 172 -17.08 10.85 -30.09
CA TYR A 172 -17.14 9.40 -30.10
C TYR A 172 -18.15 8.90 -29.06
N GLY A 173 -18.37 7.58 -29.09
CA GLY A 173 -19.44 6.96 -28.32
C GLY A 173 -19.18 6.80 -26.83
N ASP A 174 -17.96 7.11 -26.35
CA ASP A 174 -17.62 6.91 -24.94
C ASP A 174 -17.57 8.20 -24.13
N SER A 175 -17.09 9.29 -24.71
CA SER A 175 -17.00 10.56 -23.97
C SER A 175 -16.83 11.71 -24.94
N CYS A 176 -17.12 12.91 -24.45
CA CYS A 176 -17.06 14.13 -25.24
C CYS A 176 -15.78 14.90 -24.91
N GLU A 177 -15.05 15.33 -25.96
CA GLU A 177 -13.81 16.07 -25.79
C GLU A 177 -14.02 17.53 -25.44
N VAL A 178 -15.22 18.06 -25.64
CA VAL A 178 -15.48 19.49 -25.42
C VAL A 178 -15.84 19.75 -23.96
N CYS A 179 -16.74 18.94 -23.39
CA CYS A 179 -17.22 19.15 -22.02
C CYS A 179 -16.77 18.06 -21.06
N GLY A 180 -16.28 16.93 -21.54
CA GLY A 180 -15.77 15.89 -20.67
C GLY A 180 -16.79 14.89 -20.18
N THR A 181 -18.07 15.06 -20.50
CA THR A 181 -19.08 14.10 -20.09
C THR A 181 -18.78 12.73 -20.68
N THR A 182 -19.04 11.69 -19.88
CA THR A 182 -19.03 10.31 -20.33
C THR A 182 -20.47 9.82 -20.51
N TYR A 183 -20.65 8.79 -21.33
CA TYR A 183 -21.99 8.33 -21.64
C TYR A 183 -21.90 7.00 -22.37
N ASN A 184 -23.04 6.30 -22.43
CA ASN A 184 -23.17 5.20 -23.37
C ASN A 184 -23.42 5.76 -24.76
N ALA A 185 -22.96 5.04 -25.78
CA ALA A 185 -23.05 5.55 -27.15
C ALA A 185 -24.49 5.79 -27.55
N THR A 186 -25.43 5.05 -26.95
CA THR A 186 -26.85 5.24 -27.23
C THR A 186 -27.36 6.59 -26.74
N GLU A 187 -26.57 7.33 -25.97
CA GLU A 187 -27.00 8.67 -25.55
C GLU A 187 -26.59 9.75 -26.52
N LEU A 188 -25.67 9.47 -27.46
CA LEU A 188 -25.37 10.42 -28.52
C LEU A 188 -26.62 10.72 -29.34
N LEU A 189 -26.78 11.99 -29.71
CA LEU A 189 -27.87 12.39 -30.57
C LEU A 189 -27.42 12.28 -32.02
N ASN A 190 -28.33 11.84 -32.89
CA ASN A 190 -28.10 11.67 -34.32
C ASN A 190 -26.74 10.99 -34.58
N PRO A 191 -26.54 9.76 -34.10
CA PRO A 191 -25.24 9.10 -34.28
C PRO A 191 -25.03 8.65 -35.71
N ARG A 192 -23.77 8.37 -36.03
CA ARG A 192 -23.40 7.79 -37.30
C ARG A 192 -22.34 6.72 -37.07
N SER A 193 -22.27 5.79 -38.01
CA SER A 193 -21.21 4.81 -38.04
C SER A 193 -20.00 5.38 -38.74
N THR A 194 -18.81 5.23 -38.15
CA THR A 194 -17.62 5.65 -38.89
C THR A 194 -17.20 4.63 -39.92
N LEU A 195 -17.83 3.45 -39.95
CA LEU A 195 -17.46 2.44 -40.94
C LEU A 195 -18.10 2.70 -42.30
N SER A 196 -19.28 3.32 -42.32
CA SER A 196 -20.03 3.50 -43.54
C SER A 196 -20.68 4.87 -43.63
N GLY A 197 -20.68 5.66 -42.56
CA GLY A 197 -21.41 6.90 -42.51
C GLY A 197 -22.90 6.73 -42.36
N ALA A 198 -23.40 5.51 -42.50
CA ALA A 198 -24.83 5.27 -42.39
C ALA A 198 -25.31 5.54 -40.98
N THR A 199 -26.61 5.70 -40.85
CA THR A 199 -27.21 5.91 -39.54
CA THR A 199 -27.21 5.91 -39.54
C THR A 199 -27.39 4.57 -38.84
N PRO A 200 -26.81 4.38 -37.66
CA PRO A 200 -26.95 3.11 -36.95
C PRO A 200 -28.37 2.90 -36.44
N VAL A 201 -28.67 1.64 -36.15
CA VAL A 201 -29.91 1.23 -35.51
C VAL A 201 -29.54 0.56 -34.19
N GLU A 202 -30.51 0.50 -33.28
CA GLU A 202 -30.27 -0.06 -31.96
C GLU A 202 -30.77 -1.49 -31.91
N LYS A 203 -29.92 -2.41 -31.45
CA LYS A 203 -30.32 -3.80 -31.29
C LYS A 203 -29.80 -4.29 -29.94
N SER A 204 -30.17 -5.52 -29.60
CA SER A 204 -29.74 -6.14 -28.35
C SER A 204 -28.58 -7.08 -28.64
N SER A 205 -27.61 -7.11 -27.73
CA SER A 205 -26.54 -8.07 -27.85
C SER A 205 -26.09 -8.45 -26.46
N ASP A 206 -25.92 -9.75 -26.21
CA ASP A 206 -25.34 -10.18 -24.95
C ASP A 206 -23.88 -9.77 -24.88
N HIS A 207 -23.50 -9.14 -23.79
CA HIS A 207 -22.12 -8.75 -23.53
C HIS A 207 -21.63 -9.36 -22.23
N TYR A 208 -20.34 -9.67 -22.22
CA TYR A 208 -19.66 -10.22 -21.07
C TYR A 208 -18.90 -9.10 -20.38
N PHE A 209 -18.99 -9.06 -19.05
CA PHE A 209 -18.42 -7.97 -18.28
C PHE A 209 -17.46 -8.53 -17.24
N PHE A 210 -16.32 -7.88 -17.10
CA PHE A 210 -15.41 -8.17 -16.01
C PHE A 210 -15.76 -7.26 -14.83
N LYS A 211 -15.95 -7.86 -13.66
CA LYS A 211 -16.50 -7.13 -12.51
C LYS A 211 -15.37 -6.42 -11.77
N LEU A 212 -14.78 -5.44 -12.45
CA LEU A 212 -13.76 -4.59 -11.84
C LEU A 212 -14.13 -4.05 -10.47
N PRO A 213 -15.37 -3.65 -10.18
CA PRO A 213 -15.70 -3.16 -8.82
C PRO A 213 -15.42 -4.17 -7.71
N ASN A 214 -15.37 -5.46 -8.02
CA ASN A 214 -14.98 -6.47 -7.03
C ASN A 214 -13.57 -6.24 -6.51
N PHE A 215 -12.78 -5.37 -7.15
CA PHE A 215 -11.38 -5.16 -6.81
C PHE A 215 -11.10 -3.74 -6.36
N ALA A 216 -12.14 -2.97 -5.99
CA ALA A 216 -11.93 -1.56 -5.69
C ALA A 216 -10.96 -1.38 -4.52
N GLU A 217 -11.18 -2.11 -3.43
CA GLU A 217 -10.30 -1.96 -2.26
C GLU A 217 -8.92 -2.52 -2.55
N TYR A 218 -8.88 -3.65 -3.26
CA TYR A 218 -7.61 -4.26 -3.63
C TYR A 218 -6.77 -3.28 -4.44
N LEU A 219 -7.38 -2.63 -5.44
CA LEU A 219 -6.61 -1.75 -6.31
C LEU A 219 -6.26 -0.44 -5.61
N GLN A 220 -7.10 0.04 -4.69
CA GLN A 220 -6.73 1.25 -3.96
C GLN A 220 -5.45 1.04 -3.16
N LYS A 221 -5.24 -0.16 -2.62
CA LYS A 221 -3.98 -0.49 -1.97
C LYS A 221 -2.88 -0.75 -2.99
N TRP A 222 -3.18 -1.56 -4.00
CA TRP A 222 -2.19 -1.94 -5.00
C TRP A 222 -1.55 -0.72 -5.66
N THR A 223 -2.38 0.21 -6.14
CA THR A 223 -1.86 1.36 -6.86
C THR A 223 -1.03 2.30 -5.99
N ARG A 224 -1.16 2.20 -4.66
CA ARG A 224 -0.41 3.08 -3.78
C ARG A 224 0.76 2.38 -3.12
N ASP A 225 0.98 1.10 -3.38
CA ASP A 225 2.14 0.42 -2.81
C ASP A 225 3.43 1.09 -3.26
N GLU A 226 4.42 1.12 -2.37
CA GLU A 226 5.67 1.82 -2.63
C GLU A 226 6.32 1.29 -3.91
N GLY A 227 6.64 2.21 -4.82
CA GLY A 227 7.27 1.84 -6.07
C GLY A 227 6.36 1.34 -7.16
N ARG A 228 5.05 1.23 -6.91
CA ARG A 228 4.18 0.63 -7.94
C ARG A 228 3.95 1.59 -9.10
N LEU A 229 3.75 2.85 -8.79
CA LEU A 229 3.46 3.88 -9.79
CA LEU A 229 3.42 3.88 -9.76
C LEU A 229 4.26 5.13 -9.47
N PRO A 230 4.54 5.94 -10.50
CA PRO A 230 5.18 7.23 -10.23
C PRO A 230 4.30 8.11 -9.36
N LEU A 231 4.92 8.93 -8.51
CA LEU A 231 4.14 9.75 -7.58
C LEU A 231 3.15 10.66 -8.30
N SER A 232 3.48 11.11 -9.52
CA SER A 232 2.61 12.07 -10.21
C SER A 232 1.24 11.49 -10.54
N ILE A 233 1.12 10.17 -10.70
CA ILE A 233 -0.14 9.53 -11.03
C ILE A 233 -1.08 9.53 -9.83
N ALA A 234 -0.63 10.08 -8.69
CA ALA A 234 -1.44 10.08 -7.49
C ALA A 234 -2.79 10.75 -7.72
N ASN A 235 -2.77 12.02 -8.14
CA ASN A 235 -4.01 12.74 -8.39
C ASN A 235 -4.85 12.03 -9.46
N LYS A 236 -4.20 11.49 -10.51
CA LYS A 236 -4.94 10.85 -11.58
C LYS A 236 -5.68 9.62 -11.08
N LEU A 237 -5.08 8.87 -10.16
CA LEU A 237 -5.77 7.74 -9.56
C LEU A 237 -6.88 8.21 -8.62
N ASP A 238 -6.60 9.24 -7.83
CA ASP A 238 -7.61 9.76 -6.92
C ASP A 238 -8.88 10.12 -7.67
N GLU A 239 -8.75 10.84 -8.79
CA GLU A 239 -9.89 11.08 -9.65
C GLU A 239 -10.56 9.78 -10.03
N TRP A 240 -9.76 8.79 -10.43
CA TRP A 240 -10.31 7.55 -10.96
C TRP A 240 -11.09 6.78 -9.91
N PHE A 241 -10.58 6.71 -8.68
CA PHE A 241 -11.30 5.98 -7.63
C PHE A 241 -12.50 6.77 -7.12
N GLU A 242 -12.39 8.10 -7.11
CA GLU A 242 -13.53 8.93 -6.75
C GLU A 242 -14.66 8.76 -7.77
N ALA A 243 -14.33 8.80 -9.05
CA ALA A 243 -15.31 8.56 -10.10
C ALA A 243 -15.97 7.19 -9.95
N GLY A 244 -15.33 6.25 -9.26
CA GLY A 244 -15.88 4.93 -9.09
C GLY A 244 -15.54 3.97 -10.22
N LEU A 245 -15.26 2.72 -9.88
CA LEU A 245 -14.97 1.70 -10.87
C LEU A 245 -16.28 1.11 -11.40
N ALA A 246 -16.26 0.67 -12.66
CA ALA A 246 -17.44 0.10 -13.31
C ALA A 246 -17.11 -1.25 -13.92
N ASP A 247 -18.13 -2.09 -14.08
CA ASP A 247 -17.98 -3.30 -14.88
C ASP A 247 -17.37 -2.95 -16.23
N TRP A 248 -16.46 -3.80 -16.71
CA TRP A 248 -15.76 -3.59 -17.97
C TRP A 248 -16.32 -4.54 -19.03
N ASP A 249 -16.77 -3.97 -20.15
CA ASP A 249 -17.31 -4.75 -21.25
C ASP A 249 -16.15 -5.40 -22.02
N ILE A 250 -16.02 -6.72 -21.93
CA ILE A 250 -14.85 -7.40 -22.47
C ILE A 250 -15.17 -8.22 -23.72
N SER A 251 -16.40 -8.15 -24.24
CA SER A 251 -16.71 -8.96 -25.40
C SER A 251 -17.05 -8.09 -26.61
N ARG A 252 -16.83 -8.66 -27.79
CA ARG A 252 -17.14 -8.02 -29.06
C ARG A 252 -17.79 -9.06 -29.96
N ASP A 253 -18.80 -8.64 -30.72
CA ASP A 253 -19.55 -9.53 -31.58
C ASP A 253 -18.80 -9.79 -32.88
N ALA A 254 -19.08 -10.96 -33.48
CA ALA A 254 -18.59 -11.22 -34.83
C ALA A 254 -19.17 -10.18 -35.78
N PRO A 255 -18.42 -9.77 -36.82
CA PRO A 255 -17.07 -10.20 -37.19
C PRO A 255 -16.02 -9.45 -36.39
N TYR A 256 -15.03 -10.18 -35.90
CA TYR A 256 -14.00 -9.57 -35.07
C TYR A 256 -12.75 -10.41 -35.20
N PHE A 257 -11.63 -9.76 -35.46
CA PHE A 257 -10.36 -10.49 -35.51
C PHE A 257 -9.83 -10.59 -34.08
N GLY A 258 -9.95 -11.77 -33.50
CA GLY A 258 -9.56 -11.94 -32.11
C GLY A 258 -9.84 -13.36 -31.64
N PHE A 259 -9.85 -13.53 -30.32
CA PHE A 259 -10.01 -14.84 -29.72
C PHE A 259 -11.45 -15.05 -29.31
N GLU A 260 -12.01 -16.22 -29.64
CA GLU A 260 -13.38 -16.55 -29.25
CA GLU A 260 -13.38 -16.50 -29.25
C GLU A 260 -13.45 -16.77 -27.75
N ILE A 261 -14.51 -16.28 -27.13
CA ILE A 261 -14.70 -16.49 -25.70
C ILE A 261 -15.23 -17.90 -25.46
N PRO A 262 -14.62 -18.68 -24.56
CA PRO A 262 -15.13 -20.03 -24.27
C PRO A 262 -16.62 -20.00 -23.95
N ASP A 263 -17.34 -20.96 -24.52
CA ASP A 263 -18.76 -21.18 -24.26
C ASP A 263 -19.63 -19.99 -24.66
N ALA A 264 -19.10 -19.08 -25.49
CA ALA A 264 -19.86 -17.93 -25.96
C ALA A 264 -19.75 -17.86 -27.48
N PRO A 265 -20.54 -18.66 -28.20
CA PRO A 265 -20.41 -18.68 -29.66
C PRO A 265 -20.57 -17.29 -30.26
N ASN A 266 -19.71 -16.97 -31.22
CA ASN A 266 -19.75 -15.72 -31.97
C ASN A 266 -19.41 -14.51 -31.10
N LYS A 267 -18.81 -14.72 -29.92
CA LYS A 267 -18.36 -13.64 -29.07
C LYS A 267 -16.84 -13.70 -28.95
N TYR A 268 -16.20 -12.53 -28.94
CA TYR A 268 -14.76 -12.43 -28.92
C TYR A 268 -14.29 -11.56 -27.77
N PHE A 269 -13.07 -11.82 -27.29
CA PHE A 269 -12.45 -10.91 -26.34
C PHE A 269 -12.11 -9.60 -27.03
N TYR A 270 -12.57 -8.49 -26.44
CA TYR A 270 -12.06 -7.17 -26.80
C TYR A 270 -10.54 -7.19 -26.76
N VAL A 271 -9.93 -6.50 -27.74
CA VAL A 271 -8.48 -6.59 -27.92
C VAL A 271 -7.74 -6.26 -26.64
N TRP A 272 -8.25 -5.30 -25.85
CA TRP A 272 -7.54 -4.91 -24.63
C TRP A 272 -7.56 -5.99 -23.56
N VAL A 273 -8.43 -6.99 -23.66
CA VAL A 273 -8.36 -8.10 -22.72
C VAL A 273 -7.10 -8.94 -22.99
N ASP A 274 -6.92 -9.34 -24.25
CA ASP A 274 -5.81 -10.24 -24.55
C ASP A 274 -4.48 -9.52 -24.74
N ALA A 275 -4.50 -8.18 -24.92
CA ALA A 275 -3.25 -7.47 -25.19
C ALA A 275 -2.23 -7.59 -24.06
N PRO A 276 -2.53 -7.22 -22.81
CA PRO A 276 -1.50 -7.38 -21.77
C PRO A 276 -1.18 -8.83 -21.48
N ILE A 277 -2.09 -9.77 -21.77
CA ILE A 277 -1.75 -11.18 -21.63
C ILE A 277 -0.60 -11.52 -22.57
N GLY A 278 -0.45 -10.79 -23.67
CA GLY A 278 0.70 -10.94 -24.54
C GLY A 278 2.04 -10.77 -23.85
N TYR A 279 2.07 -10.01 -22.74
CA TYR A 279 3.30 -9.91 -21.97
C TYR A 279 3.69 -11.28 -21.42
N MET A 280 2.73 -11.98 -20.83
CA MET A 280 2.95 -13.33 -20.33
C MET A 280 3.31 -14.28 -21.46
N SER A 281 2.57 -14.23 -22.57
CA SER A 281 2.76 -15.21 -23.63
CA SER A 281 2.76 -15.21 -23.62
C SER A 281 4.06 -14.98 -24.38
N SER A 282 4.46 -13.73 -24.58
CA SER A 282 5.76 -13.50 -25.22
C SER A 282 6.88 -14.06 -24.33
N PHE A 283 6.82 -13.77 -23.04
CA PHE A 283 7.76 -14.37 -22.09
C PHE A 283 7.70 -15.89 -22.13
N GLU A 284 6.49 -16.46 -22.12
CA GLU A 284 6.35 -17.92 -22.14
C GLU A 284 7.00 -18.54 -23.38
N ASN A 285 6.78 -17.96 -24.56
CA ASN A 285 7.41 -18.53 -25.75
C ASN A 285 8.91 -18.33 -25.73
N TYR A 286 9.39 -17.24 -25.14
CA TYR A 286 10.82 -16.99 -25.04
C TYR A 286 11.53 -18.05 -24.20
N ILE A 287 11.03 -18.34 -22.99
CA ILE A 287 11.79 -19.23 -22.12
C ILE A 287 11.75 -20.67 -22.63
N LYS A 288 10.77 -21.01 -23.47
CA LYS A 288 10.69 -22.34 -24.04
C LYS A 288 11.88 -22.67 -24.94
N THR A 289 12.61 -21.67 -25.42
CA THR A 289 13.78 -21.94 -26.26
C THR A 289 15.09 -21.45 -25.68
N LYS A 290 15.09 -20.48 -24.77
CA LYS A 290 16.32 -19.77 -24.43
C LYS A 290 16.72 -19.81 -22.96
N ARG A 291 15.81 -20.12 -22.04
CA ARG A 291 16.14 -20.12 -20.61
C ARG A 291 15.60 -21.40 -19.99
N PRO A 292 16.24 -22.55 -20.28
CA PRO A 292 15.74 -23.81 -19.69
C PRO A 292 15.82 -23.83 -18.18
N ASP A 293 16.58 -22.92 -17.57
CA ASP A 293 16.64 -22.79 -16.12
C ASP A 293 15.41 -22.10 -15.53
N LEU A 294 14.60 -21.43 -16.34
CA LEU A 294 13.42 -20.73 -15.86
C LEU A 294 12.16 -21.53 -16.19
N ASN A 295 11.14 -21.36 -15.36
CA ASN A 295 9.82 -21.77 -15.79
C ASN A 295 8.87 -20.59 -15.67
N PHE A 296 7.70 -20.74 -16.27
CA PHE A 296 6.71 -19.68 -16.27
C PHE A 296 6.32 -19.27 -14.85
N ASP A 297 6.13 -20.25 -13.96
CA ASP A 297 5.73 -19.95 -12.59
C ASP A 297 6.76 -19.12 -11.85
N ASP A 298 8.04 -19.24 -12.20
CA ASP A 298 9.10 -18.43 -11.58
C ASP A 298 8.79 -16.93 -11.66
N PHE A 299 8.04 -16.51 -12.68
CA PHE A 299 7.71 -15.10 -12.81
C PHE A 299 6.24 -14.80 -12.60
N TRP A 300 5.34 -15.76 -12.79
CA TRP A 300 3.91 -15.42 -12.81
C TRP A 300 3.09 -16.09 -11.72
N LYS A 301 3.64 -17.06 -11.00
CA LYS A 301 2.95 -17.60 -9.84
C LYS A 301 2.90 -16.54 -8.74
N LYS A 302 1.86 -16.59 -7.92
CA LYS A 302 1.68 -15.54 -6.92
C LYS A 302 2.82 -15.49 -5.92
N ASP A 303 3.50 -16.60 -5.67
CA ASP A 303 4.60 -16.61 -4.71
C ASP A 303 5.94 -16.22 -5.35
N SER A 304 5.93 -15.64 -6.55
CA SER A 304 7.18 -15.33 -7.21
C SER A 304 7.96 -14.25 -6.47
N GLN A 305 9.26 -14.48 -6.32
CA GLN A 305 10.18 -13.50 -5.76
C GLN A 305 10.86 -12.66 -6.84
N ASN A 306 10.58 -12.95 -8.11
CA ASN A 306 11.17 -12.18 -9.19
C ASN A 306 10.29 -10.96 -9.49
N GLU A 307 10.85 -10.04 -10.27
CA GLU A 307 10.22 -8.75 -10.49
C GLU A 307 9.73 -8.63 -11.93
N VAL A 308 8.60 -7.94 -12.11
CA VAL A 308 8.01 -7.68 -13.42
C VAL A 308 7.75 -6.19 -13.56
N TYR A 309 8.29 -5.57 -14.60
CA TYR A 309 8.11 -4.14 -14.84
C TYR A 309 7.59 -3.89 -16.24
N HIS A 310 6.61 -2.99 -16.35
CA HIS A 310 6.07 -2.57 -17.64
C HIS A 310 6.41 -1.10 -17.86
N PHE A 311 7.14 -0.82 -18.94
CA PHE A 311 7.28 0.54 -19.47
C PHE A 311 6.09 0.85 -20.38
N ILE A 312 5.40 1.95 -20.10
CA ILE A 312 4.15 2.27 -20.80
C ILE A 312 4.00 3.78 -20.91
N GLY A 313 3.24 4.23 -21.91
CA GLY A 313 2.90 5.62 -22.00
C GLY A 313 1.79 6.00 -21.05
N LYS A 314 1.68 7.30 -20.77
CA LYS A 314 0.69 7.75 -19.80
C LYS A 314 -0.74 7.57 -20.32
N ASP A 315 -0.93 7.43 -21.63
CA ASP A 315 -2.26 7.23 -22.19
C ASP A 315 -2.83 5.83 -21.91
N ILE A 316 -2.03 4.86 -21.48
CA ILE A 316 -2.56 3.51 -21.26
C ILE A 316 -2.36 3.06 -19.82
N VAL A 317 -2.22 4.00 -18.89
CA VAL A 317 -2.02 3.63 -17.49
C VAL A 317 -3.27 2.98 -16.89
N TYR A 318 -4.48 3.41 -17.32
CA TYR A 318 -5.70 2.82 -16.77
C TYR A 318 -5.77 1.32 -17.01
N PHE A 319 -5.51 0.89 -18.26
CA PHE A 319 -5.49 -0.54 -18.56
C PHE A 319 -4.49 -1.26 -17.68
N HIS A 320 -3.32 -0.65 -17.43
CA HIS A 320 -2.23 -1.34 -16.75
C HIS A 320 -2.28 -1.25 -15.23
N ALA A 321 -2.90 -0.23 -14.68
CA ALA A 321 -2.94 -0.03 -13.23
C ALA A 321 -4.24 -0.51 -12.61
N LEU A 322 -5.26 -0.78 -13.42
CA LEU A 322 -6.55 -1.19 -12.88
C LEU A 322 -7.03 -2.50 -13.51
N PHE A 323 -7.31 -2.51 -14.82
CA PHE A 323 -7.83 -3.71 -15.48
C PHE A 323 -6.85 -4.86 -15.32
N TRP A 324 -5.58 -4.59 -15.64
CA TRP A 324 -4.58 -5.66 -15.74
C TRP A 324 -4.33 -6.35 -14.41
N PRO A 325 -4.04 -5.63 -13.32
CA PRO A 325 -3.81 -6.35 -12.06
C PRO A 325 -5.06 -6.97 -11.48
N ALA A 326 -6.24 -6.41 -11.76
CA ALA A 326 -7.46 -7.06 -11.29
C ALA A 326 -7.67 -8.39 -12.00
N MET A 327 -7.46 -8.41 -13.32
CA MET A 327 -7.63 -9.67 -14.06
C MET A 327 -6.66 -10.72 -13.59
N LEU A 328 -5.39 -10.32 -13.36
CA LEU A 328 -4.39 -11.26 -12.84
C LEU A 328 -4.77 -11.76 -11.45
N GLU A 329 -5.10 -10.85 -10.53
CA GLU A 329 -5.48 -11.24 -9.18
C GLU A 329 -6.67 -12.18 -9.20
N GLY A 330 -7.66 -11.88 -10.05
CA GLY A 330 -8.84 -12.73 -10.13
C GLY A 330 -8.54 -14.13 -10.65
N ALA A 331 -7.47 -14.28 -11.42
CA ALA A 331 -7.04 -15.56 -11.93
C ALA A 331 -5.88 -16.16 -11.11
N ASN A 332 -5.60 -15.60 -9.94
CA ASN A 332 -4.61 -16.13 -9.01
C ASN A 332 -3.18 -16.09 -9.57
N TYR A 333 -2.87 -15.08 -10.39
CA TYR A 333 -1.52 -14.81 -10.87
C TYR A 333 -0.93 -13.62 -10.12
N ARG A 334 0.40 -13.50 -10.13
CA ARG A 334 1.03 -12.31 -9.55
C ARG A 334 0.80 -11.11 -10.47
N THR A 335 0.98 -9.93 -9.91
CA THR A 335 0.81 -8.64 -10.57
C THR A 335 2.15 -7.93 -10.79
N PRO A 336 2.20 -6.96 -11.71
CA PRO A 336 3.46 -6.26 -11.98
C PRO A 336 4.03 -5.61 -10.73
N THR A 337 5.36 -5.65 -10.62
CA THR A 337 6.03 -4.97 -9.52
C THR A 337 5.92 -3.45 -9.65
N GLY A 338 6.05 -2.94 -10.87
CA GLY A 338 5.97 -1.50 -11.07
C GLY A 338 5.64 -1.19 -12.51
N LEU A 339 4.97 -0.05 -12.70
CA LEU A 339 4.75 0.54 -14.02
C LEU A 339 5.66 1.76 -14.15
N PHE A 340 6.46 1.79 -15.20
CA PHE A 340 7.34 2.91 -15.49
C PHE A 340 6.68 3.70 -16.61
N VAL A 341 6.19 4.89 -16.30
CA VAL A 341 5.30 5.63 -17.16
C VAL A 341 6.03 6.81 -17.75
N ASN A 342 5.90 7.03 -19.04
CA ASN A 342 6.55 8.14 -19.74
CA ASN A 342 6.51 8.21 -19.62
C ASN A 342 5.49 9.01 -20.42
N GLY A 343 5.85 10.26 -20.67
CA GLY A 343 5.01 11.19 -21.40
C GLY A 343 5.20 11.06 -22.90
N PHE A 344 4.80 12.10 -23.60
CA PHE A 344 4.83 12.12 -25.05
C PHE A 344 6.01 12.95 -25.55
N LEU A 345 6.28 12.83 -26.83
CA LEU A 345 7.33 13.59 -27.48
C LEU A 345 6.69 14.70 -28.31
N THR A 346 7.17 15.94 -28.12
CA THR A 346 6.88 17.04 -29.01
C THR A 346 8.11 17.30 -29.88
N VAL A 347 7.88 17.95 -31.02
CA VAL A 347 8.97 18.28 -31.93
C VAL A 347 8.93 19.78 -32.22
N ASN A 348 10.04 20.46 -31.94
CA ASN A 348 10.14 21.91 -32.04
C ASN A 348 9.02 22.58 -31.25
N GLY A 349 8.71 22.03 -30.08
CA GLY A 349 7.75 22.62 -29.19
C GLY A 349 6.33 22.61 -29.68
N GLN A 350 5.94 21.58 -30.44
CA GLN A 350 4.57 21.46 -30.95
C GLN A 350 4.24 19.99 -31.06
N LYS A 351 2.94 19.70 -31.09
CA LYS A 351 2.51 18.33 -31.34
C LYS A 351 3.00 17.88 -32.72
N MET A 352 3.25 16.58 -32.85
CA MET A 352 3.78 16.05 -34.10
C MET A 352 2.70 16.02 -35.17
N SER A 353 2.98 16.65 -36.32
CA SER A 353 2.02 16.74 -37.41
C SER A 353 2.69 16.37 -38.72
N LYS A 354 1.91 15.71 -39.60
CA LYS A 354 2.39 15.46 -40.95
C LYS A 354 2.59 16.76 -41.72
N SER A 355 1.78 17.79 -41.42
CA SER A 355 1.88 19.04 -42.15
C SER A 355 3.20 19.78 -41.86
N ARG A 356 3.71 19.67 -40.64
CA ARG A 356 5.01 20.23 -40.30
C ARG A 356 6.15 19.25 -40.55
N GLY A 357 5.85 18.06 -41.06
CA GLY A 357 6.88 17.07 -41.30
C GLY A 357 7.55 16.58 -40.03
N THR A 358 6.83 16.61 -38.90
CA THR A 358 7.36 16.16 -37.63
C THR A 358 6.69 14.87 -37.13
N PHE A 359 5.75 14.32 -37.91
CA PHE A 359 5.19 12.99 -37.68
C PHE A 359 6.05 12.03 -38.48
N ILE A 360 7.14 11.58 -37.87
CA ILE A 360 8.23 10.95 -38.61
C ILE A 360 8.21 9.46 -38.31
N LYS A 361 8.10 8.65 -39.36
CA LYS A 361 8.23 7.22 -39.20
C LYS A 361 9.64 6.87 -38.75
N ALA A 362 9.73 5.87 -37.88
CA ALA A 362 11.05 5.37 -37.48
C ALA A 362 11.86 4.96 -38.69
N GLU A 363 11.21 4.38 -39.69
CA GLU A 363 11.93 3.98 -40.91
C GLU A 363 12.50 5.19 -41.63
N THR A 364 11.78 6.32 -41.64
CA THR A 364 12.29 7.50 -42.32
C THR A 364 13.50 8.08 -41.61
N TYR A 365 13.47 8.12 -40.27
CA TYR A 365 14.65 8.57 -39.54
C TYR A 365 15.87 7.74 -39.94
N LEU A 366 15.72 6.42 -39.92
CA LEU A 366 16.84 5.52 -40.22
C LEU A 366 17.36 5.67 -41.64
N GLN A 367 16.54 6.16 -42.57
CA GLN A 367 17.02 6.39 -43.92
C GLN A 367 17.94 7.60 -44.01
N HIS A 368 18.06 8.40 -42.96
CA HIS A 368 18.79 9.66 -43.03
C HIS A 368 19.76 9.91 -41.88
N LEU A 369 19.61 9.27 -40.72
CA LEU A 369 20.36 9.65 -39.55
C LEU A 369 20.80 8.43 -38.75
N ASN A 370 21.91 8.58 -38.04
CA ASN A 370 22.38 7.54 -37.12
C ASN A 370 21.41 7.41 -35.96
N PRO A 371 20.84 6.23 -35.70
CA PRO A 371 19.91 6.07 -34.57
C PRO A 371 20.51 6.45 -33.22
N GLU A 372 21.82 6.37 -33.05
CA GLU A 372 22.36 6.63 -31.72
C GLU A 372 22.36 8.13 -31.40
N TYR A 373 22.32 8.99 -32.41
CA TYR A 373 21.98 10.39 -32.17
C TYR A 373 20.73 10.49 -31.29
N LEU A 374 19.66 9.80 -31.69
CA LEU A 374 18.38 9.92 -30.99
C LEU A 374 18.42 9.23 -29.65
N ARG A 375 19.09 8.08 -29.56
CA ARG A 375 19.25 7.45 -28.26
C ARG A 375 19.93 8.40 -27.28
N TYR A 376 20.99 9.07 -27.72
CA TYR A 376 21.71 9.95 -26.81
C TYR A 376 20.85 11.16 -26.43
N TYR A 377 20.23 11.79 -27.42
CA TYR A 377 19.41 12.97 -27.13
C TYR A 377 18.29 12.63 -26.15
N PHE A 378 17.59 11.52 -26.39
CA PHE A 378 16.56 11.07 -25.46
C PHE A 378 17.12 10.84 -24.08
N ALA A 379 18.25 10.11 -23.99
CA ALA A 379 18.84 9.82 -22.68
C ALA A 379 19.19 11.10 -21.93
N SER A 380 19.67 12.12 -22.63
CA SER A 380 20.07 13.37 -22.00
C SER A 380 18.89 14.14 -21.43
N LYS A 381 17.67 13.79 -21.81
CA LYS A 381 16.48 14.45 -21.31
C LYS A 381 15.59 13.55 -20.46
N LEU A 382 15.74 12.23 -20.54
CA LEU A 382 14.82 11.33 -19.85
C LEU A 382 15.08 11.32 -18.34
N SER A 383 14.00 11.34 -17.57
CA SER A 383 14.12 11.21 -16.13
C SER A 383 13.04 10.28 -15.63
N ASP A 384 12.97 10.13 -14.31
CA ASP A 384 11.97 9.31 -13.66
C ASP A 384 10.59 9.96 -13.62
N LYS A 385 10.50 11.23 -13.98
CA LYS A 385 9.24 11.94 -13.94
C LYS A 385 8.42 11.63 -15.19
N VAL A 386 7.10 11.57 -15.01
CA VAL A 386 6.17 11.44 -16.14
C VAL A 386 6.01 12.83 -16.75
N GLU A 387 6.73 13.08 -17.84
CA GLU A 387 6.77 14.40 -18.45
C GLU A 387 6.86 14.22 -19.95
N ASP A 388 6.46 15.26 -20.68
CA ASP A 388 6.71 15.29 -22.11
C ASP A 388 8.15 15.73 -22.37
N SER A 389 8.79 15.10 -23.35
CA SER A 389 10.11 15.50 -23.81
C SER A 389 9.97 16.19 -25.16
N ASP A 390 10.69 17.29 -25.34
CA ASP A 390 10.67 18.02 -26.59
C ASP A 390 11.92 17.71 -27.40
N LEU A 391 11.74 17.41 -28.67
CA LEU A 391 12.84 17.26 -29.61
C LEU A 391 12.93 18.54 -30.42
N ASN A 392 13.81 19.44 -30.00
CA ASN A 392 14.13 20.62 -30.79
C ASN A 392 15.23 20.22 -31.76
N LEU A 393 14.93 20.29 -33.06
CA LEU A 393 15.82 19.69 -34.04
C LEU A 393 17.14 20.45 -34.15
N ASP A 394 17.14 21.76 -33.97
CA ASP A 394 18.41 22.48 -33.96
C ASP A 394 19.24 22.12 -32.73
N ASP A 395 18.57 22.00 -31.58
CA ASP A 395 19.26 21.60 -30.35
C ASP A 395 19.80 20.17 -30.48
N PHE A 396 19.02 19.30 -31.12
CA PHE A 396 19.44 17.92 -31.37
C PHE A 396 20.78 17.88 -32.10
N VAL A 397 20.91 18.67 -33.16
CA VAL A 397 22.17 18.74 -33.89
C VAL A 397 23.29 19.22 -32.98
N GLN A 398 23.08 20.34 -32.28
CA GLN A 398 24.15 20.95 -31.51
C GLN A 398 24.57 20.07 -30.33
N LYS A 399 23.59 19.51 -29.62
CA LYS A 399 23.87 18.72 -28.44
C LYS A 399 24.65 17.46 -28.79
N VAL A 400 24.19 16.72 -29.80
CA VAL A 400 24.85 15.47 -30.14
C VAL A 400 26.24 15.75 -30.69
N ASN A 401 26.40 16.78 -31.52
CA ASN A 401 27.71 17.09 -32.08
C ASN A 401 28.68 17.52 -30.99
N SER A 402 28.27 18.44 -30.11
CA SER A 402 29.18 18.93 -29.08
CA SER A 402 29.19 18.93 -29.09
C SER A 402 29.54 17.83 -28.09
N ASP A 403 28.55 17.08 -27.61
CA ASP A 403 28.80 16.10 -26.56
C ASP A 403 29.56 14.88 -27.09
N LEU A 404 29.08 14.28 -28.16
CA LEU A 404 29.64 12.99 -28.58
C LEU A 404 30.80 13.17 -29.56
N VAL A 405 30.56 13.86 -30.67
CA VAL A 405 31.59 13.98 -31.69
C VAL A 405 32.73 14.86 -31.19
N GLY A 406 32.39 16.03 -30.65
CA GLY A 406 33.43 17.00 -30.34
C GLY A 406 34.10 16.80 -29.00
N LYS A 407 33.43 16.12 -28.07
CA LYS A 407 33.96 15.95 -26.73
C LYS A 407 34.35 14.51 -26.44
N VAL A 408 33.40 13.58 -26.41
CA VAL A 408 33.71 12.24 -25.90
C VAL A 408 34.59 11.47 -26.88
N VAL A 409 34.18 11.38 -28.15
CA VAL A 409 34.97 10.65 -29.13
C VAL A 409 36.30 11.36 -29.38
N ASN A 410 36.33 12.68 -29.28
CA ASN A 410 37.58 13.36 -29.55
C ASN A 410 38.65 13.08 -28.49
N ILE A 411 38.25 12.68 -27.28
CA ILE A 411 39.24 12.30 -26.27
C ILE A 411 40.05 11.10 -26.76
N ALA A 412 39.36 10.10 -27.30
CA ALA A 412 40.07 8.97 -27.90
C ALA A 412 40.94 9.44 -29.06
N SER A 413 40.38 10.24 -29.96
CA SER A 413 41.12 10.68 -31.13
C SER A 413 42.39 11.42 -30.74
N ARG A 414 42.28 12.36 -29.80
CA ARG A 414 43.40 13.24 -29.51
C ARG A 414 44.52 12.50 -28.77
N CYS A 415 44.17 11.44 -28.02
CA CYS A 415 45.19 10.61 -27.35
C CYS A 415 45.70 9.49 -28.25
N ALA A 416 44.81 8.82 -28.98
CA ALA A 416 45.26 7.74 -29.86
C ALA A 416 46.20 8.26 -30.94
N LYS A 417 46.10 9.54 -31.31
CA LYS A 417 47.00 10.11 -32.31
C LYS A 417 48.45 9.75 -32.01
N PHE A 418 48.86 9.90 -30.76
CA PHE A 418 50.25 9.63 -30.38
C PHE A 418 50.52 8.15 -30.19
N ILE A 419 49.61 7.43 -29.54
CA ILE A 419 49.81 6.00 -29.30
CA ILE A 419 49.84 6.01 -29.31
C ILE A 419 49.98 5.27 -30.63
N ASN A 420 49.09 5.54 -31.58
CA ASN A 420 49.14 4.84 -32.87
C ASN A 420 50.38 5.22 -33.66
N SER A 421 50.74 6.51 -33.65
CA SER A 421 51.77 6.94 -34.59
C SER A 421 53.18 6.69 -34.07
N SER A 422 53.37 6.68 -32.75
CA SER A 422 54.71 6.75 -32.18
C SER A 422 55.05 5.63 -31.20
N PHE A 423 54.06 4.91 -30.68
CA PHE A 423 54.31 3.99 -29.59
C PHE A 423 53.76 2.60 -29.90
N ASN A 424 53.82 2.19 -31.16
CA ASN A 424 53.48 0.83 -31.57
C ASN A 424 52.10 0.40 -31.06
N ASN A 425 51.17 1.35 -31.03
CA ASN A 425 49.77 1.05 -30.70
C ASN A 425 49.59 0.44 -29.31
N THR A 426 50.51 0.64 -28.39
CA THR A 426 50.47 -0.06 -27.11
C THR A 426 50.51 0.92 -25.95
N LEU A 427 49.54 0.82 -25.05
CA LEU A 427 49.47 1.72 -23.91
C LEU A 427 50.63 1.47 -22.95
N SER A 428 50.93 2.47 -22.14
CA SER A 428 52.06 2.42 -21.21
C SER A 428 51.92 1.26 -20.23
N SER A 429 53.07 0.83 -19.70
CA SER A 429 53.10 -0.34 -18.83
C SER A 429 52.62 -0.01 -17.43
N THR A 430 52.62 1.25 -17.03
CA THR A 430 52.01 1.66 -15.78
C THR A 430 50.97 2.75 -16.04
N CYS A 431 50.03 2.89 -15.13
CA CYS A 431 49.10 4.02 -15.13
C CYS A 431 49.75 5.15 -14.37
N ALA A 432 50.07 6.24 -15.06
CA ALA A 432 50.77 7.37 -14.44
C ALA A 432 49.87 8.23 -13.58
N GLU A 433 48.54 8.08 -13.68
CA GLU A 433 47.60 8.85 -12.89
C GLU A 433 46.57 7.92 -12.26
N SER A 434 47.04 7.03 -11.38
CA SER A 434 46.19 5.99 -10.81
C SER A 434 44.99 6.57 -10.06
N ASP A 435 45.20 7.63 -9.28
CA ASP A 435 44.10 8.22 -8.52
C ASP A 435 43.06 8.85 -9.44
N LEU A 436 43.49 9.53 -10.49
CA LEU A 436 42.54 10.12 -11.44
C LEU A 436 41.70 9.04 -12.10
N VAL A 437 42.36 7.99 -12.61
CA VAL A 437 41.61 6.91 -13.23
C VAL A 437 40.70 6.25 -12.21
N GLN A 438 41.21 6.05 -10.98
CA GLN A 438 40.36 5.43 -9.96
C GLN A 438 39.15 6.29 -9.67
N SER A 439 39.32 7.61 -9.71
CA SER A 439 38.18 8.50 -9.48
CA SER A 439 38.18 8.50 -9.48
C SER A 439 37.13 8.34 -10.57
N PHE A 440 37.55 8.11 -11.81
CA PHE A 440 36.59 7.81 -12.86
C PHE A 440 35.92 6.47 -12.64
N ILE A 441 36.67 5.48 -12.17
CA ILE A 441 36.08 4.19 -11.82
C ILE A 441 35.04 4.39 -10.72
N ASP A 442 35.42 5.10 -9.66
CA ASP A 442 34.54 5.24 -8.50
C ASP A 442 33.27 6.01 -8.84
N ALA A 443 33.33 6.93 -9.81
CA ALA A 443 32.10 7.58 -10.26
C ALA A 443 31.10 6.60 -10.86
N GLY A 444 31.50 5.38 -11.20
CA GLY A 444 30.56 4.42 -11.76
C GLY A 444 29.42 4.05 -10.83
N ASP A 445 29.63 4.14 -9.51
CA ASP A 445 28.57 3.77 -8.59
C ASP A 445 27.38 4.71 -8.72
N SER A 446 27.63 6.02 -8.82
CA SER A 446 26.56 6.99 -8.98
C SER A 446 25.90 6.87 -10.35
N ILE A 447 26.70 6.64 -11.39
CA ILE A 447 26.14 6.49 -12.73
C ILE A 447 25.25 5.27 -12.78
N ALA A 448 25.70 4.16 -12.19
CA ALA A 448 24.87 2.96 -12.16
C ALA A 448 23.57 3.21 -11.42
N ALA A 449 23.64 3.93 -10.30
CA ALA A 449 22.42 4.20 -9.53
C ALA A 449 21.45 5.08 -10.31
N ALA A 450 21.97 6.02 -11.11
CA ALA A 450 21.09 6.87 -11.91
C ALA A 450 20.39 6.06 -13.00
N TYR A 451 21.14 5.22 -13.72
CA TYR A 451 20.52 4.35 -14.71
C TYR A 451 19.41 3.52 -14.09
N GLU A 452 19.71 2.88 -12.94
CA GLU A 452 18.71 2.03 -12.31
C GLU A 452 17.46 2.80 -11.90
N ALA A 453 17.64 4.04 -11.45
CA ALA A 453 16.52 4.90 -11.06
C ALA A 453 15.83 5.54 -12.25
N ARG A 454 16.26 5.23 -13.46
CA ARG A 454 15.72 5.81 -14.70
C ARG A 454 16.01 7.30 -14.78
N GLU A 455 17.02 7.75 -14.03
CA GLU A 455 17.44 9.15 -14.07
C GLU A 455 18.54 9.30 -15.12
N PHE A 456 18.13 9.11 -16.39
CA PHE A 456 19.12 9.06 -17.46
C PHE A 456 19.76 10.42 -17.67
N SER A 457 18.97 11.50 -17.62
CA SER A 457 19.54 12.84 -17.76
C SER A 457 20.65 13.09 -16.74
N THR A 458 20.50 12.57 -15.52
CA THR A 458 21.55 12.69 -14.52
C THR A 458 22.78 11.85 -14.89
N ALA A 459 22.57 10.61 -15.33
CA ALA A 459 23.72 9.78 -15.74
C ALA A 459 24.51 10.47 -16.84
N ILE A 460 23.81 11.02 -17.85
CA ILE A 460 24.51 11.67 -18.97
C ILE A 460 25.30 12.87 -18.47
N ARG A 461 24.67 13.70 -17.62
CA ARG A 461 25.37 14.87 -17.11
CA ARG A 461 25.36 14.87 -17.08
C ARG A 461 26.60 14.46 -16.30
N GLU A 462 26.50 13.38 -15.51
CA GLU A 462 27.66 12.93 -14.74
C GLU A 462 28.77 12.43 -15.66
N ILE A 463 28.40 11.71 -16.72
CA ILE A 463 29.40 11.24 -17.70
C ILE A 463 30.06 12.44 -18.39
N MET A 464 29.25 13.42 -18.81
CA MET A 464 29.83 14.59 -19.48
C MET A 464 30.72 15.39 -18.56
N ALA A 465 30.42 15.41 -17.26
CA ALA A 465 31.32 16.05 -16.31
C ALA A 465 32.66 15.31 -16.25
N LEU A 466 32.62 13.99 -16.32
CA LEU A 466 33.85 13.20 -16.40
C LEU A 466 34.61 13.50 -17.69
N ALA A 467 33.89 13.60 -18.82
CA ALA A 467 34.57 13.94 -20.07
C ALA A 467 35.28 15.29 -19.97
N ASP A 468 34.64 16.27 -19.31
CA ASP A 468 35.29 17.56 -19.12
C ASP A 468 36.57 17.41 -18.28
N ARG A 469 36.53 16.58 -17.24
CA ARG A 469 37.74 16.39 -16.43
C ARG A 469 38.84 15.74 -17.25
N ALA A 470 38.48 14.81 -18.13
CA ALA A 470 39.48 14.16 -18.98
C ALA A 470 40.12 15.16 -19.94
N ASN A 471 39.30 16.00 -20.59
CA ASN A 471 39.87 17.04 -21.44
C ASN A 471 40.71 18.02 -20.64
N GLN A 472 40.28 18.33 -19.41
CA GLN A 472 41.07 19.21 -18.56
CA GLN A 472 41.07 19.20 -18.55
C GLN A 472 42.45 18.61 -18.28
N TYR A 473 42.51 17.30 -18.01
CA TYR A 473 43.78 16.65 -17.75
C TYR A 473 44.68 16.69 -18.98
N ILE A 474 44.14 16.31 -20.13
CA ILE A 474 44.94 16.32 -21.35
C ILE A 474 45.43 17.74 -21.65
N ASP A 475 44.56 18.73 -21.45
CA ASP A 475 44.94 20.12 -21.74
C ASP A 475 46.04 20.61 -20.79
N GLU A 476 46.00 20.16 -19.54
CA GLU A 476 47.05 20.54 -18.60
CA GLU A 476 47.05 20.54 -18.60
C GLU A 476 48.38 19.91 -18.97
N LYS A 477 48.37 18.63 -19.38
CA LYS A 477 49.62 17.94 -19.70
C LYS A 477 50.18 18.30 -21.08
N LYS A 478 49.34 18.69 -22.03
CA LYS A 478 49.78 19.15 -23.34
C LYS A 478 50.66 18.10 -24.03
N PRO A 479 50.14 16.94 -24.37
CA PRO A 479 50.98 15.94 -25.04
C PRO A 479 51.58 16.45 -26.35
N TRP A 480 50.86 17.34 -27.06
CA TRP A 480 51.38 17.94 -28.29
C TRP A 480 52.67 18.70 -28.04
N ALA A 481 52.77 19.38 -26.90
CA ALA A 481 54.00 20.08 -26.54
C ALA A 481 55.07 19.11 -26.07
N LEU A 482 54.69 18.11 -25.28
CA LEU A 482 55.63 17.12 -24.81
C LEU A 482 56.28 16.38 -25.98
N ALA A 483 55.50 16.06 -27.01
CA ALA A 483 56.04 15.36 -28.17
C ALA A 483 57.11 16.17 -28.87
N LYS A 484 57.18 17.48 -28.62
CA LYS A 484 58.17 18.33 -29.26
C LYS A 484 59.26 18.77 -28.30
N GLN A 485 59.35 18.14 -27.13
CA GLN A 485 60.39 18.47 -26.17
C GLN A 485 61.37 17.30 -26.05
N GLU A 486 62.63 17.65 -25.84
CA GLU A 486 63.68 16.64 -25.66
C GLU A 486 63.36 15.70 -24.51
N GLY A 487 63.40 14.40 -24.78
CA GLY A 487 63.38 13.40 -23.74
C GLY A 487 62.04 13.11 -23.10
N GLN A 488 60.93 13.56 -23.69
CA GLN A 488 59.63 13.42 -23.06
C GLN A 488 58.80 12.30 -23.68
N GLU A 489 59.42 11.37 -24.40
CA GLU A 489 58.66 10.33 -25.08
C GLU A 489 57.84 9.51 -24.09
N GLN A 490 58.44 9.08 -22.98
CA GLN A 490 57.66 8.29 -22.02
C GLN A 490 56.51 9.10 -21.47
N GLN A 491 56.69 10.41 -21.29
CA GLN A 491 55.60 11.19 -20.71
C GLN A 491 54.44 11.33 -21.70
N VAL A 492 54.73 11.49 -23.00
CA VAL A 492 53.65 11.51 -23.98
C VAL A 492 52.86 10.21 -23.90
N LEU A 493 53.56 9.09 -23.87
CA LEU A 493 52.88 7.80 -23.79
C LEU A 493 52.07 7.67 -22.49
N ASP A 494 52.65 8.10 -21.37
CA ASP A 494 51.94 7.97 -20.10
C ASP A 494 50.65 8.80 -20.12
N VAL A 495 50.74 10.04 -20.59
CA VAL A 495 49.61 10.96 -20.61
C VAL A 495 48.54 10.45 -21.56
N CYS A 496 48.93 10.04 -22.75
CA CYS A 496 47.93 9.56 -23.70
C CYS A 496 47.33 8.25 -23.23
N SER A 497 48.11 7.44 -22.52
CA SER A 497 47.58 6.19 -21.97
C SER A 497 46.56 6.47 -20.88
N VAL A 498 46.82 7.47 -20.04
CA VAL A 498 45.79 7.87 -19.08
C VAL A 498 44.55 8.34 -19.82
N GLY A 499 44.73 9.16 -20.86
CA GLY A 499 43.59 9.66 -21.61
C GLY A 499 42.73 8.55 -22.18
N ILE A 500 43.37 7.52 -22.75
CA ILE A 500 42.63 6.37 -23.26
C ILE A 500 41.91 5.64 -22.13
N ASN A 501 42.55 5.52 -20.97
CA ASN A 501 41.86 4.88 -19.85
C ASN A 501 40.65 5.70 -19.39
N LEU A 502 40.78 7.03 -19.40
CA LEU A 502 39.62 7.85 -19.02
C LEU A 502 38.51 7.68 -20.04
N PHE A 503 38.86 7.72 -21.34
CA PHE A 503 37.90 7.49 -22.40
C PHE A 503 37.21 6.14 -22.24
N ARG A 504 37.98 5.10 -21.91
CA ARG A 504 37.42 3.76 -21.75
C ARG A 504 36.30 3.76 -20.71
N GLN A 505 36.52 4.43 -19.57
CA GLN A 505 35.49 4.55 -18.55
C GLN A 505 34.25 5.23 -19.10
N LEU A 506 34.44 6.35 -19.81
CA LEU A 506 33.31 7.05 -20.42
C LEU A 506 32.53 6.11 -21.35
N ALA A 507 33.23 5.31 -22.13
CA ALA A 507 32.51 4.48 -23.11
C ALA A 507 31.76 3.34 -22.43
N VAL A 508 32.34 2.78 -21.35
CA VAL A 508 31.62 1.80 -20.55
C VAL A 508 30.34 2.39 -19.98
N TYR A 509 30.43 3.62 -19.47
CA TYR A 509 29.26 4.26 -18.87
C TYR A 509 28.20 4.65 -19.91
N LEU A 510 28.62 4.97 -21.13
CA LEU A 510 27.69 5.28 -22.20
C LEU A 510 27.15 4.07 -22.94
N ALA A 511 27.70 2.89 -22.69
CA ALA A 511 27.34 1.72 -23.49
C ALA A 511 25.84 1.41 -23.49
N PRO A 512 25.08 1.57 -22.39
CA PRO A 512 23.63 1.32 -22.48
C PRO A 512 22.91 2.26 -23.41
N VAL A 513 23.41 3.48 -23.55
CA VAL A 513 22.80 4.48 -24.42
C VAL A 513 23.29 4.34 -25.86
N LEU A 514 24.56 3.98 -26.04
CA LEU A 514 25.19 3.92 -27.35
C LEU A 514 25.81 2.56 -27.57
N PRO A 515 24.99 1.51 -27.72
CA PRO A 515 25.55 0.15 -27.82
C PRO A 515 26.39 -0.09 -29.07
N THR A 516 26.08 0.56 -30.17
CA THR A 516 26.91 0.38 -31.36
C THR A 516 28.26 1.04 -31.18
N LEU A 517 28.27 2.28 -30.66
CA LEU A 517 29.52 2.94 -30.36
CA LEU A 517 29.51 2.95 -30.34
C LEU A 517 30.33 2.11 -29.37
N ALA A 518 29.67 1.52 -28.38
CA ALA A 518 30.39 0.69 -27.41
C ALA A 518 31.06 -0.50 -28.07
N GLN A 519 30.35 -1.17 -28.98
CA GLN A 519 30.95 -2.27 -29.73
CA GLN A 519 30.97 -2.28 -29.70
C GLN A 519 32.17 -1.80 -30.50
N GLN A 520 32.07 -0.63 -31.15
CA GLN A 520 33.20 -0.07 -31.88
C GLN A 520 34.38 0.24 -30.94
N VAL A 521 34.09 0.72 -29.73
CA VAL A 521 35.16 0.97 -28.77
C VAL A 521 35.76 -0.33 -28.28
N GLN A 522 34.95 -1.37 -28.08
CA GLN A 522 35.51 -2.69 -27.78
C GLN A 522 36.48 -3.16 -28.86
N ASP A 523 36.13 -2.93 -30.13
CA ASP A 523 37.05 -3.27 -31.21
C ASP A 523 38.31 -2.42 -31.13
N PHE A 524 38.14 -1.11 -30.93
CA PHE A 524 39.29 -0.20 -30.92
C PHE A 524 40.23 -0.50 -29.75
N LEU A 525 39.69 -0.73 -28.56
CA LEU A 525 40.52 -1.01 -27.38
C LEU A 525 40.82 -2.48 -27.20
N LYS A 526 40.36 -3.34 -28.09
CA LYS A 526 40.57 -4.78 -28.00
C LYS A 526 40.15 -5.30 -26.61
N LEU A 527 38.89 -5.09 -26.29
CA LEU A 527 38.33 -5.47 -24.99
C LEU A 527 37.21 -6.47 -25.24
N GLU A 528 37.34 -7.66 -24.67
CA GLU A 528 36.27 -8.64 -24.80
C GLU A 528 35.11 -8.36 -23.84
N SER A 529 35.37 -7.70 -22.71
CA SER A 529 34.35 -7.40 -21.71
C SER A 529 34.14 -5.90 -21.62
N PHE A 530 32.88 -5.48 -21.42
CA PHE A 530 32.57 -4.06 -21.38
C PHE A 530 31.49 -3.76 -20.35
N ASP A 531 31.24 -4.67 -19.42
CA ASP A 531 30.24 -4.40 -18.40
C ASP A 531 30.86 -3.53 -17.31
N PHE A 532 30.08 -3.23 -16.27
CA PHE A 532 30.59 -2.30 -15.26
C PHE A 532 31.76 -2.89 -14.48
N GLU A 533 31.69 -4.17 -14.13
CA GLU A 533 32.80 -4.79 -13.41
C GLU A 533 34.10 -4.70 -14.21
N SER A 534 34.03 -4.88 -15.52
CA SER A 534 35.24 -4.94 -16.33
C SER A 534 36.02 -3.63 -16.30
N ARG A 535 35.37 -2.53 -15.96
CA ARG A 535 36.04 -1.22 -15.97
C ARG A 535 37.11 -1.11 -14.89
N LYS A 536 37.07 -1.97 -13.87
CA LYS A 536 38.08 -1.93 -12.82
C LYS A 536 39.45 -2.41 -13.31
N GLN A 537 39.50 -3.00 -14.51
CA GLN A 537 40.76 -3.45 -15.12
C GLN A 537 41.38 -2.27 -15.86
N ILE A 538 42.35 -1.61 -15.24
CA ILE A 538 43.02 -0.49 -15.92
C ILE A 538 43.90 -1.04 -17.03
N LEU A 539 43.87 -0.38 -18.20
CA LEU A 539 44.58 -0.92 -19.35
C LEU A 539 46.05 -0.52 -19.26
N VAL A 540 46.91 -1.52 -19.23
CA VAL A 540 48.36 -1.31 -19.18
C VAL A 540 49.00 -2.32 -20.09
N SER A 541 50.10 -1.91 -20.73
CA SER A 541 50.82 -2.77 -21.68
C SER A 541 49.84 -3.39 -22.66
N HIS A 542 48.89 -2.57 -23.14
CA HIS A 542 47.68 -3.04 -23.79
C HIS A 542 47.63 -2.55 -25.22
N GLU A 543 47.66 -3.47 -26.18
CA GLU A 543 47.63 -3.06 -27.58
C GLU A 543 46.24 -2.57 -27.95
N ILE A 544 46.19 -1.47 -28.71
CA ILE A 544 44.93 -0.98 -29.25
C ILE A 544 45.03 -0.94 -30.77
N ALA A 545 43.87 -0.82 -31.40
CA ALA A 545 43.82 -0.77 -32.85
C ALA A 545 44.06 0.65 -33.33
N GLN A 546 44.25 0.79 -34.64
CA GLN A 546 44.33 2.12 -35.23
C GLN A 546 43.01 2.83 -35.03
N PHE A 547 43.05 4.04 -34.48
CA PHE A 547 41.80 4.76 -34.26
C PHE A 547 41.20 5.20 -35.59
N GLN A 548 39.90 5.00 -35.73
CA GLN A 548 39.12 5.57 -36.82
C GLN A 548 37.90 6.25 -36.23
N PRO A 549 37.41 7.31 -36.88
CA PRO A 549 36.23 8.01 -36.36
C PRO A 549 35.11 7.05 -36.01
N LEU A 550 34.52 7.27 -34.85
CA LEU A 550 33.49 6.41 -34.28
C LEU A 550 32.09 6.92 -34.53
N MET A 551 31.95 8.17 -34.97
CA MET A 551 30.64 8.76 -35.18
C MET A 551 30.81 9.98 -36.08
N GLN A 552 29.96 10.07 -37.10
CA GLN A 552 29.91 11.27 -37.92
C GLN A 552 29.01 12.31 -37.26
N ARG A 553 29.32 13.58 -37.48
CA ARG A 553 28.49 14.65 -36.95
C ARG A 553 27.08 14.58 -37.54
N VAL A 554 26.11 15.06 -36.78
CA VAL A 554 24.75 15.18 -37.30
C VAL A 554 24.76 16.28 -38.36
N ASP A 555 24.30 15.94 -39.56
CA ASP A 555 24.26 16.91 -40.65
C ASP A 555 22.88 17.57 -40.66
N PRO A 556 22.78 18.89 -40.48
CA PRO A 556 21.46 19.54 -40.51
C PRO A 556 20.68 19.28 -41.78
N LYS A 557 21.36 19.12 -42.92
CA LYS A 557 20.66 18.81 -44.16
C LYS A 557 20.05 17.42 -44.11
N ALA A 558 20.70 16.48 -43.41
CA ALA A 558 20.13 15.15 -43.27
C ALA A 558 18.88 15.20 -42.40
N VAL A 559 18.90 16.02 -41.35
CA VAL A 559 17.71 16.24 -40.54
C VAL A 559 16.59 16.81 -41.41
N ALA A 560 16.90 17.83 -42.21
CA ALA A 560 15.88 18.46 -43.05
C ALA A 560 15.34 17.48 -44.09
N ALA A 561 16.22 16.66 -44.67
CA ALA A 561 15.78 15.64 -45.62
C ALA A 561 14.79 14.68 -44.97
N MET A 562 15.00 14.36 -43.70
CA MET A 562 14.06 13.50 -42.99
C MET A 562 12.72 14.21 -42.80
N VAL A 563 12.77 15.47 -42.38
CA VAL A 563 11.54 16.25 -42.23
C VAL A 563 10.81 16.36 -43.56
N ASP A 564 11.56 16.66 -44.64
CA ASP A 564 10.94 16.83 -45.95
C ASP A 564 10.32 15.53 -46.44
N ALA A 565 10.97 14.39 -46.16
CA ALA A 565 10.41 13.10 -46.54
C ALA A 565 9.19 12.73 -45.72
N SER A 566 8.87 13.47 -44.66
CA SER A 566 7.75 13.15 -43.79
C SER A 566 6.53 14.04 -44.04
N LYS A 567 6.61 14.97 -44.98
CA LYS A 567 5.50 15.86 -45.28
C LYS A 567 4.47 15.20 -46.19
N MET B 22 -14.80 7.95 2.89
CA MET B 22 -14.27 9.32 2.86
C MET B 22 -13.78 9.78 4.25
N ARG B 23 -14.62 9.65 5.28
CA ARG B 23 -14.23 10.08 6.62
C ARG B 23 -13.27 9.06 7.23
N LYS B 24 -12.17 9.56 7.76
CA LYS B 24 -11.19 8.78 8.48
C LYS B 24 -11.54 8.76 9.96
N ILE B 25 -11.03 7.75 10.67
CA ILE B 25 -11.44 7.49 12.04
C ILE B 25 -10.20 7.43 12.91
N LEU B 26 -10.25 8.10 14.06
CA LEU B 26 -9.27 7.96 15.12
C LEU B 26 -9.94 7.27 16.31
N VAL B 27 -9.31 6.22 16.82
CA VAL B 27 -9.87 5.39 17.89
C VAL B 27 -8.85 5.30 19.00
N THR B 28 -9.31 5.39 20.26
CA THR B 28 -8.43 5.20 21.41
C THR B 28 -9.02 4.18 22.37
N ASN B 29 -8.14 3.65 23.22
CA ASN B 29 -8.51 3.01 24.47
C ASN B 29 -8.11 3.90 25.63
N ALA B 30 -8.75 3.68 26.78
CA ALA B 30 -8.35 4.36 27.99
C ALA B 30 -6.88 4.10 28.27
N LEU B 31 -6.22 5.11 28.83
CA LEU B 31 -4.79 5.04 29.10
C LEU B 31 -4.56 4.39 30.47
N PRO B 32 -3.91 3.23 30.55
CA PRO B 32 -3.71 2.62 31.88
C PRO B 32 -2.65 3.38 32.68
N TYR B 33 -2.87 3.44 34.00
CA TYR B 33 -1.86 4.04 34.87
C TYR B 33 -0.57 3.23 34.86
N ALA B 34 0.55 3.93 34.97
CA ALA B 34 1.87 3.30 35.01
C ALA B 34 2.25 2.83 36.39
N ASN B 35 1.30 2.27 37.14
CA ASN B 35 1.54 1.90 38.53
C ASN B 35 1.28 0.43 38.83
N GLY B 36 0.89 -0.36 37.85
CA GLY B 36 0.70 -1.77 38.06
C GLY B 36 0.51 -2.51 36.74
N PRO B 37 0.44 -3.84 36.82
CA PRO B 37 0.30 -4.64 35.60
C PRO B 37 -1.11 -4.58 35.04
N ILE B 38 -1.21 -4.94 33.76
CA ILE B 38 -2.52 -5.12 33.13
C ILE B 38 -3.14 -6.41 33.65
N HIS B 39 -4.41 -6.34 34.06
CA HIS B 39 -5.14 -7.51 34.52
C HIS B 39 -6.18 -7.95 33.50
N MET B 40 -6.64 -9.19 33.67
CA MET B 40 -7.53 -9.81 32.70
C MET B 40 -8.84 -9.03 32.53
N GLY B 41 -9.35 -8.46 33.63
CA GLY B 41 -10.61 -7.73 33.55
C GLY B 41 -10.52 -6.46 32.72
N HIS B 42 -9.38 -5.77 32.80
CA HIS B 42 -9.21 -4.57 32.00
C HIS B 42 -9.02 -4.90 30.52
N LEU B 43 -8.63 -6.13 30.19
CA LEU B 43 -8.50 -6.52 28.78
C LEU B 43 -9.81 -6.50 28.03
N LEU B 44 -10.95 -6.52 28.73
CA LEU B 44 -12.23 -6.56 28.04
C LEU B 44 -12.37 -5.39 27.07
N GLY B 45 -12.12 -4.18 27.55
CA GLY B 45 -12.26 -3.02 26.71
C GLY B 45 -11.17 -2.90 25.65
N TYR B 46 -9.95 -3.34 25.97
CA TYR B 46 -8.87 -3.31 24.98
C TYR B 46 -9.15 -4.26 23.82
N ILE B 47 -9.58 -5.48 24.15
CA ILE B 47 -9.90 -6.44 23.09
C ILE B 47 -11.13 -5.98 22.31
N GLN B 48 -12.13 -5.42 22.99
CA GLN B 48 -13.29 -4.87 22.30
C GLN B 48 -12.88 -3.83 21.25
N ALA B 49 -12.05 -2.87 21.65
CA ALA B 49 -11.61 -1.84 20.72
C ALA B 49 -10.81 -2.42 19.57
N ASP B 50 -9.88 -3.34 19.88
CA ASP B 50 -9.03 -3.92 18.84
C ASP B 50 -9.85 -4.68 17.80
N ILE B 51 -10.83 -5.48 18.25
CA ILE B 51 -11.73 -6.14 17.31
C ILE B 51 -12.40 -5.11 16.41
N TRP B 52 -12.93 -4.03 17.00
CA TRP B 52 -13.63 -3.03 16.21
C TRP B 52 -12.70 -2.42 15.16
N VAL B 53 -11.50 -2.02 15.58
CA VAL B 53 -10.53 -1.45 14.66
C VAL B 53 -10.24 -2.40 13.52
N ARG B 54 -9.92 -3.66 13.84
CA ARG B 54 -9.60 -4.62 12.80
C ARG B 54 -10.79 -4.84 11.87
N ALA B 55 -11.99 -4.94 12.43
CA ALA B 55 -13.18 -5.12 11.60
C ALA B 55 -13.40 -3.91 10.70
N MET B 56 -13.31 -2.69 11.26
CA MET B 56 -13.52 -1.51 10.43
C MET B 56 -12.50 -1.42 9.30
N ARG B 57 -11.24 -1.70 9.59
CA ARG B 57 -10.25 -1.74 8.51
C ARG B 57 -10.56 -2.83 7.51
N ALA B 58 -11.03 -3.98 7.96
CA ALA B 58 -11.35 -5.05 7.03
C ALA B 58 -12.50 -4.65 6.10
N MET B 59 -13.32 -3.70 6.52
CA MET B 59 -14.40 -3.16 5.70
C MET B 59 -13.96 -1.97 4.85
N GLY B 60 -12.67 -1.66 4.85
CA GLY B 60 -12.15 -0.61 3.99
C GLY B 60 -12.01 0.76 4.63
N HIS B 61 -12.24 0.89 5.94
CA HIS B 61 -12.14 2.21 6.57
C HIS B 61 -10.68 2.55 6.90
N ASP B 62 -10.39 3.85 6.89
CA ASP B 62 -9.08 4.39 7.27
C ASP B 62 -9.13 4.64 8.77
N VAL B 63 -8.51 3.76 9.56
CA VAL B 63 -8.64 3.79 11.02
C VAL B 63 -7.26 3.88 11.66
N THR B 64 -7.09 4.89 12.50
CA THR B 64 -5.88 5.07 13.30
C THR B 64 -6.23 4.74 14.74
N TYR B 65 -5.35 4.04 15.44
CA TYR B 65 -5.67 3.41 16.72
C TYR B 65 -4.48 3.60 17.63
N VAL B 66 -4.63 4.44 18.67
CA VAL B 66 -3.50 4.78 19.53
C VAL B 66 -3.89 4.67 20.99
N CYS B 67 -2.86 4.57 21.84
CA CYS B 67 -3.03 4.54 23.28
C CYS B 67 -1.74 5.07 23.88
N ALA B 68 -1.62 4.99 25.21
CA ALA B 68 -0.45 5.51 25.91
C ALA B 68 -0.60 5.13 27.37
N ASP B 69 0.52 5.13 28.09
CA ASP B 69 0.48 4.99 29.55
C ASP B 69 0.13 6.33 30.20
N ASP B 70 -0.73 6.28 31.20
CA ASP B 70 -1.10 7.43 32.02
C ASP B 70 -0.04 7.50 33.12
N ALA B 71 0.91 8.43 32.99
CA ALA B 71 2.18 8.35 33.70
C ALA B 71 2.34 9.29 34.89
N HIS B 72 1.36 10.16 35.17
CA HIS B 72 1.57 11.19 36.17
C HIS B 72 0.82 10.90 37.47
N GLY B 73 1.21 11.61 38.53
CA GLY B 73 0.41 11.71 39.72
C GLY B 73 1.08 11.10 40.93
N THR B 74 0.41 11.28 42.07
CA THR B 74 0.98 10.85 43.34
C THR B 74 1.09 9.34 43.43
N ALA B 75 0.08 8.62 42.91
CA ALA B 75 0.09 7.16 42.98
C ALA B 75 1.32 6.60 42.29
N ILE B 76 1.70 7.16 41.14
CA ILE B 76 2.88 6.67 40.44
C ILE B 76 4.15 7.06 41.19
N MET B 77 4.16 8.22 41.85
CA MET B 77 5.28 8.50 42.75
C MET B 77 5.38 7.45 43.86
N LEU B 78 4.24 7.05 44.42
CA LEU B 78 4.24 6.04 45.48
C LEU B 78 4.86 4.74 44.99
N ARG B 79 4.44 4.27 43.81
CA ARG B 79 5.02 3.04 43.28
C ARG B 79 6.51 3.19 43.03
N ALA B 80 6.92 4.33 42.46
CA ALA B 80 8.34 4.52 42.13
C ALA B 80 9.20 4.46 43.38
N GLU B 81 8.77 5.16 44.44
CA GLU B 81 9.53 5.15 45.69
C GLU B 81 9.49 3.76 46.33
N ALA B 82 8.33 3.10 46.28
CA ALA B 82 8.22 1.72 46.77
C ALA B 82 9.18 0.79 46.01
N ASN B 83 9.35 1.01 44.72
CA ASN B 83 10.23 0.19 43.89
C ASN B 83 11.67 0.69 43.89
N GLY B 84 11.98 1.75 44.62
CA GLY B 84 13.34 2.22 44.74
C GLY B 84 13.93 2.82 43.48
N ILE B 85 13.09 3.42 42.63
CA ILE B 85 13.54 3.99 41.37
C ILE B 85 12.89 5.35 41.19
N SER B 86 13.44 6.12 40.25
CA SER B 86 12.88 7.42 39.92
C SER B 86 11.54 7.23 39.19
N PRO B 87 10.67 8.25 39.23
CA PRO B 87 9.42 8.16 38.44
C PRO B 87 9.68 7.92 36.96
N GLU B 88 10.70 8.57 36.39
CA GLU B 88 11.02 8.35 34.98
C GLU B 88 11.37 6.90 34.69
N GLU B 89 12.12 6.26 35.60
CA GLU B 89 12.42 4.86 35.38
C GLU B 89 11.20 3.98 35.65
N GLN B 90 10.33 4.38 36.59
CA GLN B 90 9.13 3.60 36.87
C GLN B 90 8.22 3.54 35.64
N ILE B 91 7.93 4.69 35.05
CA ILE B 91 7.01 4.69 33.92
C ILE B 91 7.64 4.04 32.70
N ALA B 92 8.96 4.14 32.55
CA ALA B 92 9.62 3.46 31.43
C ALA B 92 9.52 1.94 31.59
N ASN B 93 9.65 1.44 32.83
CA ASN B 93 9.53 0.01 33.07
C ASN B 93 8.12 -0.48 32.75
N VAL B 94 7.12 0.21 33.28
CA VAL B 94 5.74 -0.24 33.15
C VAL B 94 5.26 -0.10 31.71
N GLN B 95 5.71 0.93 31.00
CA GLN B 95 5.28 1.08 29.61
C GLN B 95 5.67 -0.13 28.79
N LYS B 96 6.87 -0.65 29.02
CA LYS B 96 7.33 -1.82 28.28
C LYS B 96 6.50 -3.05 28.65
N GLU B 97 6.16 -3.20 29.93
CA GLU B 97 5.33 -4.31 30.39
C GLU B 97 3.95 -4.26 29.76
N HIS B 98 3.32 -3.08 29.78
CA HIS B 98 1.99 -2.93 29.20
C HIS B 98 2.00 -3.25 27.71
N ILE B 99 2.99 -2.70 26.97
CA ILE B 99 3.07 -2.96 25.54
C ILE B 99 3.24 -4.46 25.28
N ARG B 100 4.11 -5.12 26.04
CA ARG B 100 4.29 -6.56 25.92
C ARG B 100 2.96 -7.30 26.08
N ASP B 101 2.16 -6.92 27.09
CA ASP B 101 0.93 -7.67 27.34
C ASP B 101 -0.12 -7.37 26.30
N PHE B 102 -0.26 -6.11 25.89
CA PHE B 102 -1.21 -5.77 24.83
C PHE B 102 -0.85 -6.52 23.55
N ASP B 103 0.44 -6.51 23.19
CA ASP B 103 0.89 -7.23 22.00
CA ASP B 103 0.89 -7.23 22.00
C ASP B 103 0.59 -8.73 22.10
N GLY B 104 0.74 -9.29 23.30
CA GLY B 104 0.51 -10.71 23.46
C GLY B 104 -0.93 -11.11 23.22
N PHE B 105 -1.88 -10.21 23.47
CA PHE B 105 -3.29 -10.45 23.23
C PHE B 105 -3.77 -9.95 21.88
N GLY B 106 -2.85 -9.57 20.99
CA GLY B 106 -3.23 -9.06 19.70
C GLY B 106 -3.82 -7.67 19.72
N VAL B 107 -3.76 -6.97 20.85
CA VAL B 107 -4.19 -5.58 20.90
C VAL B 107 -3.05 -4.77 20.29
N HIS B 108 -3.12 -4.50 18.98
CA HIS B 108 -2.02 -3.87 18.25
CA HIS B 108 -2.01 -3.88 18.24
C HIS B 108 -2.37 -2.43 17.93
N PHE B 109 -1.84 -1.51 18.72
CA PHE B 109 -2.02 -0.10 18.42
C PHE B 109 -1.07 0.31 17.29
N ASP B 110 -1.47 1.35 16.55
CA ASP B 110 -0.54 1.98 15.62
C ASP B 110 0.62 2.64 16.34
N HIS B 111 0.40 3.08 17.59
CA HIS B 111 1.41 3.81 18.33
C HIS B 111 1.02 3.77 19.79
N TYR B 112 2.01 3.64 20.67
CA TYR B 112 1.76 3.62 22.11
C TYR B 112 2.71 4.61 22.77
N ASP B 113 2.15 5.67 23.37
CA ASP B 113 3.02 6.74 23.82
C ASP B 113 2.95 6.86 25.34
N SER B 114 3.15 8.06 25.85
CA SER B 114 3.17 8.33 27.28
C SER B 114 2.55 9.69 27.50
N THR B 115 1.76 9.85 28.57
CA THR B 115 1.30 11.19 28.90
C THR B 115 2.45 12.09 29.36
N HIS B 116 3.63 11.53 29.66
CA HIS B 116 4.77 12.33 30.06
C HIS B 116 5.56 12.85 28.86
N SER B 117 5.10 12.57 27.65
CA SER B 117 5.87 12.95 26.48
C SER B 117 5.93 14.47 26.32
N ASP B 118 6.97 14.94 25.63
CA ASP B 118 7.07 16.37 25.32
C ASP B 118 5.88 16.85 24.51
N ALA B 119 5.37 16.01 23.61
CA ALA B 119 4.17 16.37 22.86
C ALA B 119 2.99 16.61 23.80
N ASN B 120 2.85 15.79 24.83
CA ASN B 120 1.74 15.98 25.74
C ASN B 120 1.95 17.21 26.62
N LYS B 121 3.20 17.49 26.99
CA LYS B 121 3.48 18.71 27.71
C LYS B 121 3.10 19.92 26.88
N ALA B 122 3.43 19.91 25.59
CA ALA B 122 3.12 21.06 24.75
C ALA B 122 1.62 21.23 24.58
N ARG B 123 0.90 20.13 24.29
CA ARG B 123 -0.53 20.25 24.10
CA ARG B 123 -0.54 20.25 24.10
C ARG B 123 -1.25 20.60 25.39
N SER B 124 -0.76 20.11 26.54
CA SER B 124 -1.37 20.45 27.81
C SER B 124 -1.25 21.94 28.08
N THR B 125 -0.06 22.51 27.83
CA THR B 125 0.12 23.95 27.98
C THR B 125 -0.77 24.71 27.01
N ASP B 126 -0.84 24.24 25.75
CA ASP B 126 -1.64 24.95 24.77
C ASP B 126 -3.11 24.99 25.19
N ILE B 127 -3.64 23.85 25.64
CA ILE B 127 -5.06 23.80 26.00
C ILE B 127 -5.32 24.62 27.26
N TYR B 128 -4.41 24.59 28.23
CA TYR B 128 -4.59 25.38 29.44
C TYR B 128 -4.55 26.88 29.15
N ILE B 129 -3.53 27.33 28.42
CA ILE B 129 -3.38 28.77 28.16
CA ILE B 129 -3.39 28.77 28.17
C ILE B 129 -4.57 29.29 27.36
N LYS B 130 -5.01 28.55 26.35
CA LYS B 130 -6.17 29.00 25.57
C LYS B 130 -7.40 29.09 26.45
N ASN B 131 -7.57 28.14 27.38
CA ASN B 131 -8.71 28.21 28.28
C ASN B 131 -8.55 29.36 29.25
N ARG B 132 -7.32 29.60 29.71
CA ARG B 132 -7.07 30.71 30.64
C ARG B 132 -7.38 32.04 29.98
N GLU B 133 -6.92 32.23 28.74
CA GLU B 133 -7.13 33.52 28.09
C GLU B 133 -8.58 33.71 27.69
N ALA B 134 -9.30 32.62 27.42
CA ALA B 134 -10.73 32.67 27.07
C ALA B 134 -11.64 32.91 28.27
N GLY B 135 -11.12 32.81 29.49
CA GLY B 135 -11.88 33.11 30.68
C GLY B 135 -12.31 31.89 31.51
N ASN B 136 -11.79 30.70 31.21
CA ASN B 136 -12.28 29.50 31.87
C ASN B 136 -11.41 29.04 33.05
N ILE B 137 -10.45 29.84 33.49
CA ILE B 137 -9.59 29.46 34.62
C ILE B 137 -9.73 30.49 35.73
N ALA B 138 -9.89 30.02 36.96
CA ALA B 138 -9.86 30.87 38.14
C ALA B 138 -8.80 30.35 39.10
N VAL B 139 -8.20 31.26 39.87
CA VAL B 139 -7.23 30.88 40.88
C VAL B 139 -7.71 31.48 42.18
N ARG B 140 -7.66 30.69 43.24
CA ARG B 140 -8.10 31.19 44.54
CA ARG B 140 -8.08 31.20 44.54
C ARG B 140 -7.44 30.37 45.64
N PRO B 141 -7.18 30.96 46.80
CA PRO B 141 -6.67 30.17 47.92
C PRO B 141 -7.76 29.28 48.47
N VAL B 142 -7.41 28.03 48.78
CA VAL B 142 -8.35 27.12 49.42
C VAL B 142 -7.65 26.45 50.60
N THR B 143 -8.45 26.04 51.57
CA THR B 143 -7.96 25.28 52.71
C THR B 143 -7.78 23.84 52.27
N GLN B 144 -6.64 23.25 52.63
CA GLN B 144 -6.36 21.89 52.21
C GLN B 144 -5.63 21.15 53.34
N LEU B 145 -5.94 19.88 53.48
CA LEU B 145 -5.23 19.05 54.45
C LEU B 145 -3.80 18.83 53.97
N PHE B 146 -2.88 18.77 54.93
CA PHE B 146 -1.44 18.72 54.70
C PHE B 146 -0.87 17.66 55.62
N ASP B 147 -0.06 16.75 55.08
CA ASP B 147 0.60 15.74 55.89
C ASP B 147 1.92 16.32 56.40
N PRO B 148 2.05 16.63 57.70
CA PRO B 148 3.25 17.32 58.18
C PRO B 148 4.47 16.41 58.23
N GLU B 149 4.26 15.10 58.32
CA GLU B 149 5.37 14.16 58.32
C GLU B 149 6.02 14.07 56.94
N LYS B 150 5.20 13.98 55.89
CA LYS B 150 5.70 13.87 54.52
C LYS B 150 5.92 15.24 53.87
N GLY B 151 5.42 16.32 54.47
CA GLY B 151 5.51 17.64 53.86
C GLY B 151 4.76 17.75 52.54
N MET B 152 3.56 17.19 52.47
CA MET B 152 2.80 17.13 51.23
C MET B 152 1.36 17.57 51.48
N PHE B 153 0.83 18.36 50.54
CA PHE B 153 -0.60 18.59 50.51
C PHE B 153 -1.31 17.33 50.06
N LEU B 154 -2.42 17.02 50.71
CA LEU B 154 -3.14 15.78 50.49
C LEU B 154 -4.33 16.03 49.59
N SER B 155 -4.38 15.31 48.47
CA SER B 155 -5.62 15.30 47.69
C SER B 155 -6.60 14.28 48.28
N ASP B 156 -7.82 14.26 47.74
CA ASP B 156 -8.92 13.61 48.44
C ASP B 156 -8.72 12.12 48.60
N ARG B 157 -8.07 11.45 47.64
CA ARG B 157 -7.91 10.00 47.72
C ARG B 157 -6.71 9.58 48.56
N PHE B 158 -6.08 10.52 49.25
CA PHE B 158 -5.00 10.22 50.18
C PHE B 158 -5.36 10.68 51.59
N ILE B 159 -6.65 10.90 51.83
CA ILE B 159 -7.21 11.25 53.13
C ILE B 159 -8.31 10.25 53.44
N LYS B 160 -8.36 9.77 54.68
CA LYS B 160 -9.48 8.99 55.15
C LYS B 160 -9.96 9.55 56.49
N GLY B 161 -11.27 9.45 56.71
CA GLY B 161 -11.83 9.98 57.93
C GLY B 161 -13.26 9.53 58.10
N THR B 162 -13.91 10.11 59.10
CA THR B 162 -15.29 9.77 59.46
C THR B 162 -16.25 10.68 58.70
N CYS B 163 -17.24 10.08 58.04
CA CYS B 163 -18.18 10.85 57.25
C CYS B 163 -18.95 11.80 58.16
N PRO B 164 -19.03 13.09 57.84
CA PRO B 164 -19.73 14.01 58.75
C PRO B 164 -21.23 13.75 58.81
N LYS B 165 -21.81 13.15 57.77
CA LYS B 165 -23.25 12.88 57.73
C LYS B 165 -23.62 11.63 58.49
N CYS B 166 -23.07 10.47 58.10
CA CYS B 166 -23.49 9.21 58.69
C CYS B 166 -22.52 8.70 59.76
N LYS B 167 -21.35 9.32 59.91
CA LYS B 167 -20.34 9.00 60.92
C LYS B 167 -19.64 7.67 60.65
N SER B 168 -19.67 7.18 59.42
CA SER B 168 -18.96 5.96 59.08
C SER B 168 -17.46 6.23 58.98
N GLU B 169 -16.67 5.31 59.52
CA GLU B 169 -15.21 5.38 59.47
C GLU B 169 -14.68 5.10 58.07
N ASP B 170 -13.43 5.56 57.83
CA ASP B 170 -12.57 5.08 56.73
C ASP B 170 -13.03 5.56 55.36
N GLN B 171 -13.67 6.73 55.29
CA GLN B 171 -14.15 7.29 54.03
C GLN B 171 -13.12 8.22 53.43
N TYR B 172 -13.09 8.27 52.09
CA TYR B 172 -12.15 9.15 51.43
C TYR B 172 -12.62 10.60 51.53
N GLY B 173 -11.75 11.51 51.06
CA GLY B 173 -11.98 12.93 51.24
C GLY B 173 -13.01 13.58 50.33
N ASP B 174 -13.50 12.87 49.31
CA ASP B 174 -14.45 13.44 48.36
C ASP B 174 -15.88 13.02 48.62
N SER B 175 -16.12 11.76 49.00
CA SER B 175 -17.48 11.30 49.19
C SER B 175 -17.50 10.01 50.01
N CYS B 176 -18.66 9.72 50.58
CA CYS B 176 -18.86 8.58 51.49
C CYS B 176 -19.54 7.45 50.74
N GLU B 177 -18.91 6.26 50.74
CA GLU B 177 -19.48 5.10 50.08
C GLU B 177 -20.68 4.52 50.83
N VAL B 178 -20.90 4.91 52.08
CA VAL B 178 -21.96 4.32 52.87
C VAL B 178 -23.28 5.06 52.69
N CYS B 179 -23.26 6.38 52.77
CA CYS B 179 -24.47 7.19 52.66
C CYS B 179 -24.53 8.02 51.40
N GLY B 180 -23.44 8.15 50.64
CA GLY B 180 -23.44 8.85 49.38
C GLY B 180 -23.15 10.34 49.45
N THR B 181 -23.11 10.93 50.65
CA THR B 181 -22.85 12.36 50.78
C THR B 181 -21.50 12.73 50.18
N THR B 182 -21.46 13.88 49.51
CA THR B 182 -20.22 14.49 49.05
C THR B 182 -19.82 15.61 49.98
N TYR B 183 -18.52 15.90 50.03
CA TYR B 183 -18.04 16.90 50.96
C TYR B 183 -16.63 17.32 50.55
N ASN B 184 -16.17 18.41 51.12
CA ASN B 184 -14.75 18.73 51.07
C ASN B 184 -14.04 17.93 52.16
N ALA B 185 -12.79 17.55 51.88
CA ALA B 185 -12.06 16.69 52.81
C ALA B 185 -11.93 17.34 54.19
N THR B 186 -11.98 18.67 54.26
CA THR B 186 -11.93 19.36 55.56
C THR B 186 -13.16 19.09 56.42
N GLU B 187 -14.22 18.50 55.87
CA GLU B 187 -15.39 18.20 56.67
C GLU B 187 -15.33 16.82 57.33
N LEU B 188 -14.41 15.96 56.90
CA LEU B 188 -14.22 14.68 57.57
C LEU B 188 -13.87 14.87 59.04
N LEU B 189 -14.44 14.03 59.89
CA LEU B 189 -14.08 14.04 61.30
C LEU B 189 -12.87 13.14 61.51
N ASN B 190 -11.96 13.59 62.37
CA ASN B 190 -10.72 12.89 62.71
C ASN B 190 -10.03 12.30 61.47
N PRO B 191 -9.61 13.14 60.52
CA PRO B 191 -8.98 12.62 59.30
C PRO B 191 -7.59 12.06 59.57
N ARG B 192 -7.12 11.24 58.62
CA ARG B 192 -5.76 10.74 58.65
C ARG B 192 -5.21 10.77 57.23
N SER B 193 -3.89 10.84 57.14
CA SER B 193 -3.19 10.73 55.87
C SER B 193 -2.96 9.25 55.55
N THR B 194 -3.28 8.84 54.33
CA THR B 194 -2.94 7.48 53.93
C THR B 194 -1.48 7.32 53.59
N LEU B 195 -0.72 8.43 53.54
CA LEU B 195 0.70 8.35 53.22
C LEU B 195 1.53 7.96 54.43
N SER B 196 1.12 8.43 55.61
CA SER B 196 1.90 8.25 56.81
C SER B 196 1.08 7.76 57.99
N GLY B 197 -0.25 7.73 57.88
CA GLY B 197 -1.12 7.46 59.00
C GLY B 197 -1.19 8.58 60.00
N ALA B 198 -0.38 9.63 59.84
CA ALA B 198 -0.34 10.73 60.77
C ALA B 198 -1.57 11.61 60.62
N THR B 199 -1.80 12.44 61.63
CA THR B 199 -2.93 13.35 61.61
CA THR B 199 -2.93 13.35 61.61
C THR B 199 -2.60 14.57 60.76
N PRO B 200 -3.35 14.85 59.71
CA PRO B 200 -3.05 16.02 58.89
C PRO B 200 -3.42 17.30 59.60
N VAL B 201 -2.89 18.40 59.08
CA VAL B 201 -3.19 19.76 59.52
C VAL B 201 -3.75 20.51 58.33
N GLU B 202 -4.42 21.62 58.60
CA GLU B 202 -5.02 22.43 57.55
C GLU B 202 -4.09 23.61 57.21
N LYS B 203 -3.89 23.83 55.91
CA LYS B 203 -3.10 24.94 55.42
C LYS B 203 -3.81 25.50 54.19
N SER B 204 -3.40 26.69 53.76
CA SER B 204 -3.96 27.32 52.57
C SER B 204 -3.06 27.05 51.37
N SER B 205 -3.68 26.85 50.21
CA SER B 205 -2.92 26.75 48.98
C SER B 205 -3.74 27.36 47.86
N ASP B 206 -3.09 28.14 46.99
CA ASP B 206 -3.76 28.61 45.78
C ASP B 206 -4.01 27.43 44.84
N HIS B 207 -5.26 27.27 44.41
CA HIS B 207 -5.61 26.22 43.47
C HIS B 207 -6.21 26.83 42.21
N TYR B 208 -5.96 26.17 41.08
CA TYR B 208 -6.45 26.60 39.77
C TYR B 208 -7.67 25.77 39.44
N PHE B 209 -8.71 26.44 38.94
CA PHE B 209 -9.98 25.78 38.68
C PHE B 209 -10.38 25.98 37.23
N PHE B 210 -10.85 24.91 36.61
CA PHE B 210 -11.49 25.00 35.32
C PHE B 210 -12.98 25.24 35.53
N LYS B 211 -13.51 26.26 34.88
CA LYS B 211 -14.89 26.70 35.14
C LYS B 211 -15.85 25.89 34.29
N LEU B 212 -15.95 24.61 34.66
CA LEU B 212 -16.93 23.73 34.01
C LEU B 212 -18.34 24.31 33.95
N PRO B 213 -18.85 25.06 34.94
CA PRO B 213 -20.21 25.61 34.78
C PRO B 213 -20.38 26.53 33.59
N ASN B 214 -19.31 27.11 33.05
CA ASN B 214 -19.43 27.89 31.81
C ASN B 214 -19.93 27.04 30.64
N PHE B 215 -19.95 25.71 30.77
CA PHE B 215 -20.27 24.82 29.66
C PHE B 215 -21.53 23.99 29.91
N ALA B 216 -22.36 24.38 30.89
CA ALA B 216 -23.51 23.56 31.26
C ALA B 216 -24.46 23.36 30.10
N GLU B 217 -24.88 24.45 29.44
CA GLU B 217 -25.82 24.32 28.32
C GLU B 217 -25.18 23.60 27.15
N TYR B 218 -23.93 23.94 26.84
CA TYR B 218 -23.20 23.27 25.78
C TYR B 218 -23.17 21.76 26.02
N LEU B 219 -22.82 21.36 27.25
CA LEU B 219 -22.67 19.93 27.54
C LEU B 219 -24.02 19.21 27.59
N GLN B 220 -25.07 19.88 28.11
CA GLN B 220 -26.38 19.26 28.10
CA GLN B 220 -26.38 19.26 28.09
C GLN B 220 -26.84 18.94 26.68
N LYS B 221 -26.46 19.77 25.71
CA LYS B 221 -26.73 19.42 24.32
C LYS B 221 -25.74 18.38 23.82
N TRP B 222 -24.44 18.62 24.05
CA TRP B 222 -23.39 17.73 23.54
C TRP B 222 -23.62 16.29 23.95
N THR B 223 -23.90 16.06 25.24
CA THR B 223 -24.05 14.69 25.74
C THR B 223 -25.28 13.98 25.19
N ARG B 224 -26.24 14.71 24.64
CA ARG B 224 -27.45 14.10 24.11
C ARG B 224 -27.48 14.06 22.59
N ASP B 225 -26.48 14.60 21.91
CA ASP B 225 -26.40 14.48 20.46
C ASP B 225 -26.41 13.02 20.05
N GLU B 226 -27.04 12.74 18.90
CA GLU B 226 -27.22 11.38 18.44
C GLU B 226 -25.88 10.66 18.30
N GLY B 227 -25.78 9.49 18.92
CA GLY B 227 -24.58 8.68 18.84
C GLY B 227 -23.45 9.09 19.76
N ARG B 228 -23.60 10.18 20.52
CA ARG B 228 -22.50 10.63 21.35
C ARG B 228 -22.24 9.68 22.51
N LEU B 229 -23.31 9.25 23.16
CA LEU B 229 -23.23 8.35 24.30
C LEU B 229 -24.26 7.25 24.12
N PRO B 230 -24.00 6.08 24.68
CA PRO B 230 -25.04 5.04 24.69
C PRO B 230 -26.26 5.52 25.45
N LEU B 231 -27.43 5.05 25.02
CA LEU B 231 -28.68 5.58 25.57
C LEU B 231 -28.80 5.32 27.07
N SER B 232 -28.23 4.22 27.55
CA SER B 232 -28.40 3.85 28.95
C SER B 232 -27.80 4.89 29.89
N ILE B 233 -26.79 5.62 29.45
CA ILE B 233 -26.18 6.69 30.23
C ILE B 233 -27.15 7.83 30.53
N ALA B 234 -28.31 7.88 29.86
CA ALA B 234 -29.23 9.00 30.01
C ALA B 234 -29.53 9.31 31.47
N ASN B 235 -29.93 8.28 32.23
CA ASN B 235 -30.26 8.49 33.64
C ASN B 235 -29.08 9.07 34.40
N LYS B 236 -27.88 8.48 34.22
CA LYS B 236 -26.71 8.94 34.96
C LYS B 236 -26.33 10.36 34.61
N LEU B 237 -26.75 10.86 33.44
CA LEU B 237 -26.45 12.22 33.03
C LEU B 237 -27.43 13.22 33.63
N ASP B 238 -28.73 12.95 33.48
CA ASP B 238 -29.74 13.79 34.12
C ASP B 238 -29.46 13.93 35.61
N GLU B 239 -29.01 12.85 36.26
CA GLU B 239 -28.53 12.94 37.63
C GLU B 239 -27.41 13.96 37.74
N TRP B 240 -26.41 13.86 36.87
CA TRP B 240 -25.23 14.70 36.95
C TRP B 240 -25.57 16.17 36.69
N PHE B 241 -26.44 16.43 35.72
CA PHE B 241 -26.81 17.81 35.43
C PHE B 241 -27.76 18.39 36.47
N GLU B 242 -28.59 17.53 37.08
CA GLU B 242 -29.43 18.00 38.17
C GLU B 242 -28.60 18.29 39.41
N ALA B 243 -27.62 17.44 39.71
CA ALA B 243 -26.70 17.72 40.81
C ALA B 243 -25.97 19.04 40.60
N GLY B 244 -25.80 19.45 39.34
CA GLY B 244 -25.15 20.71 39.03
C GLY B 244 -23.66 20.57 38.81
N LEU B 245 -23.13 21.29 37.83
CA LEU B 245 -21.69 21.24 37.54
C LEU B 245 -20.97 22.23 38.43
N ALA B 246 -19.74 21.88 38.80
CA ALA B 246 -18.95 22.72 39.68
C ALA B 246 -17.59 22.99 39.06
N ASP B 247 -16.93 24.06 39.52
CA ASP B 247 -15.54 24.29 39.13
C ASP B 247 -14.71 23.05 39.46
N TRP B 248 -13.78 22.74 38.57
CA TRP B 248 -12.93 21.55 38.70
C TRP B 248 -11.55 21.99 39.13
N ASP B 249 -11.10 21.48 40.28
CA ASP B 249 -9.77 21.79 40.77
C ASP B 249 -8.72 21.05 39.94
N ILE B 250 -7.91 21.79 39.17
CA ILE B 250 -7.01 21.18 38.20
C ILE B 250 -5.55 21.28 38.62
N SER B 251 -5.26 21.74 39.84
CA SER B 251 -3.86 21.92 40.21
C SER B 251 -3.50 21.09 41.43
N ARG B 252 -2.22 20.73 41.49
CA ARG B 252 -1.64 19.98 42.59
C ARG B 252 -0.30 20.60 42.96
N ASP B 253 -0.02 20.65 44.26
CA ASP B 253 1.20 21.26 44.76
C ASP B 253 2.41 20.32 44.64
N ALA B 254 3.59 20.90 44.53
CA ALA B 254 4.83 20.14 44.67
C ALA B 254 4.83 19.48 46.05
N PRO B 255 5.42 18.28 46.18
CA PRO B 255 6.04 17.49 45.12
C PRO B 255 4.99 16.73 44.33
N TYR B 256 5.16 16.68 43.01
CA TYR B 256 4.17 16.04 42.15
C TYR B 256 4.86 15.65 40.87
N PHE B 257 4.65 14.42 40.41
CA PHE B 257 5.20 13.99 39.14
C PHE B 257 4.18 14.35 38.07
N GLY B 258 4.47 15.39 37.30
CA GLY B 258 3.53 15.89 36.32
C GLY B 258 4.07 17.14 35.67
N PHE B 259 3.19 17.83 34.97
CA PHE B 259 3.57 19.02 34.20
C PHE B 259 3.30 20.27 35.02
N GLU B 260 4.27 21.19 35.04
CA GLU B 260 4.08 22.46 35.73
C GLU B 260 3.09 23.34 34.99
N ILE B 261 2.27 24.05 35.75
CA ILE B 261 1.29 24.95 35.14
C ILE B 261 1.99 26.24 34.72
N PRO B 262 1.81 26.71 33.49
CA PRO B 262 2.45 27.95 33.07
C PRO B 262 2.15 29.10 34.04
N ASP B 263 3.19 29.87 34.35
CA ASP B 263 3.10 31.06 35.18
C ASP B 263 2.62 30.76 36.60
N ALA B 264 2.71 29.51 37.04
CA ALA B 264 2.26 29.11 38.38
C ALA B 264 3.37 28.29 39.04
N PRO B 265 4.39 28.94 39.58
CA PRO B 265 5.53 28.21 40.12
C PRO B 265 5.11 27.19 41.17
N ASN B 266 5.68 25.99 41.08
CA ASN B 266 5.45 24.90 42.02
C ASN B 266 4.02 24.37 41.98
N LYS B 267 3.28 24.66 40.92
CA LYS B 267 1.95 24.11 40.73
C LYS B 267 1.95 23.21 39.50
N TYR B 268 1.24 22.08 39.60
CA TYR B 268 1.21 21.06 38.57
C TYR B 268 -0.23 20.76 38.16
N PHE B 269 -0.41 20.37 36.90
CA PHE B 269 -1.71 19.87 36.49
C PHE B 269 -2.00 18.54 37.16
N TYR B 270 -3.18 18.45 37.78
CA TYR B 270 -3.74 17.16 38.16
C TYR B 270 -3.70 16.19 36.98
N VAL B 271 -3.33 14.95 37.27
CA VAL B 271 -3.09 13.95 36.22
C VAL B 271 -4.26 13.86 35.26
N TRP B 272 -5.48 14.03 35.76
CA TRP B 272 -6.64 13.88 34.89
C TRP B 272 -6.80 15.04 33.90
N VAL B 273 -6.09 16.16 34.10
CA VAL B 273 -6.08 17.18 33.06
C VAL B 273 -5.27 16.71 31.86
N ASP B 274 -4.04 16.24 32.11
CA ASP B 274 -3.20 15.92 30.97
C ASP B 274 -3.49 14.54 30.40
N ALA B 275 -4.21 13.68 31.15
CA ALA B 275 -4.39 12.29 30.71
C ALA B 275 -5.14 12.17 29.39
N PRO B 276 -6.34 12.74 29.22
CA PRO B 276 -6.98 12.64 27.88
C PRO B 276 -6.27 13.44 26.81
N ILE B 277 -5.54 14.50 27.16
CA ILE B 277 -4.69 15.14 26.16
C ILE B 277 -3.70 14.14 25.57
N GLY B 278 -3.37 13.09 26.34
CA GLY B 278 -2.56 12.01 25.81
C GLY B 278 -3.14 11.34 24.57
N TYR B 279 -4.47 11.35 24.43
CA TYR B 279 -5.08 10.88 23.19
C TYR B 279 -4.57 11.68 21.99
N MET B 280 -4.59 13.01 22.13
CA MET B 280 -4.12 13.91 21.07
C MET B 280 -2.65 13.75 20.81
N SER B 281 -1.84 13.73 21.87
CA SER B 281 -0.39 13.74 21.68
CA SER B 281 -0.39 13.73 21.70
C SER B 281 0.12 12.39 21.19
N SER B 282 -0.51 11.29 21.60
CA SER B 282 -0.13 10.00 21.05
C SER B 282 -0.40 9.98 19.55
N PHE B 283 -1.60 10.42 19.17
CA PHE B 283 -1.92 10.58 17.74
C PHE B 283 -0.92 11.49 17.05
N GLU B 284 -0.59 12.63 17.67
CA GLU B 284 0.31 13.58 17.02
C GLU B 284 1.69 12.97 16.75
N ASN B 285 2.25 12.27 17.74
CA ASN B 285 3.57 11.67 17.53
C ASN B 285 3.51 10.55 16.50
N TYR B 286 2.41 9.82 16.45
CA TYR B 286 2.24 8.76 15.45
C TYR B 286 2.28 9.30 14.02
N ILE B 287 1.48 10.32 13.72
CA ILE B 287 1.38 10.71 12.31
C ILE B 287 2.64 11.37 11.82
N LYS B 288 3.47 11.88 12.73
CA LYS B 288 4.75 12.45 12.35
C LYS B 288 5.68 11.41 11.72
N THR B 289 5.57 10.15 12.11
CA THR B 289 6.43 9.12 11.54
C THR B 289 5.74 8.27 10.49
N LYS B 290 4.41 8.14 10.54
CA LYS B 290 3.76 7.09 9.77
C LYS B 290 2.69 7.54 8.79
N ARG B 291 2.13 8.74 8.93
CA ARG B 291 1.04 9.19 8.07
C ARG B 291 1.35 10.59 7.57
N PRO B 292 2.35 10.73 6.69
CA PRO B 292 2.68 12.06 6.17
C PRO B 292 1.55 12.69 5.39
N ASP B 293 0.56 11.91 4.96
CA ASP B 293 -0.62 12.44 4.29
C ASP B 293 -1.61 13.09 5.27
N LEU B 294 -1.45 12.89 6.57
CA LEU B 294 -2.34 13.47 7.56
C LEU B 294 -1.64 14.64 8.25
N ASN B 295 -2.44 15.57 8.76
CA ASN B 295 -1.91 16.52 9.72
C ASN B 295 -2.83 16.54 10.93
N PHE B 296 -2.30 17.12 12.00
CA PHE B 296 -3.00 17.13 13.28
C PHE B 296 -4.36 17.81 13.15
N ASP B 297 -4.40 18.96 12.47
CA ASP B 297 -5.65 19.70 12.34
C ASP B 297 -6.73 18.89 11.63
N ASP B 298 -6.34 17.98 10.74
CA ASP B 298 -7.31 17.14 10.05
C ASP B 298 -8.22 16.41 11.03
N PHE B 299 -7.71 16.11 12.22
CA PHE B 299 -8.51 15.41 13.21
C PHE B 299 -8.92 16.28 14.38
N TRP B 300 -8.18 17.34 14.69
CA TRP B 300 -8.46 18.04 15.95
C TRP B 300 -8.91 19.48 15.78
N LYS B 301 -8.87 20.03 14.57
CA LYS B 301 -9.47 21.33 14.34
C LYS B 301 -10.99 21.23 14.37
N LYS B 302 -11.65 22.32 14.79
CA LYS B 302 -13.09 22.28 15.00
C LYS B 302 -13.87 21.96 13.74
N ASP B 303 -13.34 22.29 12.56
CA ASP B 303 -14.04 21.98 11.33
C ASP B 303 -13.70 20.59 10.77
N SER B 304 -13.07 19.73 11.57
CA SER B 304 -12.67 18.43 11.06
C SER B 304 -13.90 17.61 10.68
N GLN B 305 -13.82 16.96 9.52
CA GLN B 305 -14.85 16.03 9.07
C GLN B 305 -14.47 14.59 9.36
N ASN B 306 -13.39 14.37 10.11
CA ASN B 306 -13.01 13.03 10.52
C ASN B 306 -13.62 12.74 11.89
N GLU B 307 -13.59 11.47 12.27
CA GLU B 307 -14.30 11.00 13.45
C GLU B 307 -13.30 10.58 14.53
N VAL B 308 -13.66 10.84 15.78
CA VAL B 308 -12.83 10.50 16.93
C VAL B 308 -13.68 9.71 17.92
N TYR B 309 -13.25 8.48 18.26
CA TYR B 309 -14.00 7.66 19.20
C TYR B 309 -13.10 7.20 20.34
N HIS B 310 -13.63 7.22 21.56
CA HIS B 310 -12.93 6.73 22.74
C HIS B 310 -13.69 5.53 23.29
N PHE B 311 -13.01 4.38 23.37
CA PHE B 311 -13.50 3.24 24.15
C PHE B 311 -13.08 3.44 25.60
N ILE B 312 -14.04 3.42 26.53
CA ILE B 312 -13.77 3.70 27.93
C ILE B 312 -14.66 2.83 28.80
N GLY B 313 -14.19 2.57 30.03
CA GLY B 313 -15.03 1.93 31.01
C GLY B 313 -16.04 2.91 31.59
N LYS B 314 -17.11 2.34 32.15
CA LYS B 314 -18.18 3.19 32.67
C LYS B 314 -17.75 3.98 33.90
N ASP B 315 -16.66 3.61 34.55
CA ASP B 315 -16.17 4.33 35.73
C ASP B 315 -15.45 5.63 35.38
N ILE B 316 -15.13 5.89 34.11
CA ILE B 316 -14.45 7.13 33.77
C ILE B 316 -15.26 7.96 32.77
N VAL B 317 -16.59 7.76 32.72
CA VAL B 317 -17.39 8.49 31.74
C VAL B 317 -17.45 9.98 32.08
N TYR B 318 -17.44 10.32 33.38
CA TYR B 318 -17.54 11.74 33.77
C TYR B 318 -16.39 12.55 33.21
N PHE B 319 -15.15 12.08 33.38
CA PHE B 319 -14.01 12.77 32.80
C PHE B 319 -14.19 12.95 31.30
N HIS B 320 -14.74 11.92 30.61
CA HIS B 320 -14.76 11.91 29.15
C HIS B 320 -15.97 12.60 28.55
N ALA B 321 -17.09 12.67 29.26
CA ALA B 321 -18.32 13.26 28.73
C ALA B 321 -18.55 14.68 29.20
N LEU B 322 -17.84 15.13 30.23
CA LEU B 322 -18.04 16.48 30.75
C LEU B 322 -16.74 17.28 30.76
N PHE B 323 -15.73 16.90 31.56
CA PHE B 323 -14.49 17.66 31.64
C PHE B 323 -13.80 17.75 30.28
N TRP B 324 -13.65 16.61 29.61
CA TRP B 324 -12.88 16.52 28.37
C TRP B 324 -13.47 17.36 27.24
N PRO B 325 -14.75 17.22 26.87
CA PRO B 325 -15.25 18.08 25.78
C PRO B 325 -15.31 19.54 26.16
N ALA B 326 -15.50 19.87 27.43
CA ALA B 326 -15.51 21.27 27.83
C ALA B 326 -14.13 21.89 27.68
N MET B 327 -13.08 21.17 28.10
CA MET B 327 -11.73 21.68 27.92
C MET B 327 -11.37 21.85 26.46
N LEU B 328 -11.73 20.87 25.62
CA LEU B 328 -11.49 21.00 24.19
C LEU B 328 -12.23 22.19 23.60
N GLU B 329 -13.55 22.25 23.83
CA GLU B 329 -14.34 23.37 23.34
C GLU B 329 -13.77 24.71 23.81
N GLY B 330 -13.37 24.78 25.08
CA GLY B 330 -12.83 26.03 25.61
C GLY B 330 -11.53 26.45 24.94
N ALA B 331 -10.79 25.48 24.42
CA ALA B 331 -9.54 25.71 23.71
C ALA B 331 -9.73 25.72 22.20
N ASN B 332 -10.98 25.70 21.74
CA ASN B 332 -11.32 25.78 20.32
C ASN B 332 -10.86 24.54 19.55
N TYR B 333 -10.82 23.38 20.20
CA TYR B 333 -10.56 22.11 19.53
C TYR B 333 -11.88 21.38 19.30
N ARG B 334 -11.86 20.42 18.35
CA ARG B 334 -13.04 19.59 18.20
C ARG B 334 -13.14 18.60 19.36
N THR B 335 -14.34 18.06 19.55
CA THR B 335 -14.65 17.12 20.61
C THR B 335 -14.87 15.72 20.03
N PRO B 336 -14.81 14.67 20.86
CA PRO B 336 -15.02 13.31 20.36
C PRO B 336 -16.38 13.15 19.69
N THR B 337 -16.40 12.31 18.65
CA THR B 337 -17.65 11.96 17.97
C THR B 337 -18.51 11.07 18.84
N GLY B 338 -17.89 10.13 19.55
CA GLY B 338 -18.66 9.30 20.45
C GLY B 338 -17.77 8.63 21.47
N LEU B 339 -18.40 8.27 22.59
CA LEU B 339 -17.80 7.47 23.65
C LEU B 339 -18.46 6.10 23.60
N PHE B 340 -17.64 5.06 23.50
CA PHE B 340 -18.09 3.68 23.47
C PHE B 340 -17.78 3.11 24.84
N VAL B 341 -18.82 2.88 25.63
CA VAL B 341 -18.67 2.63 27.06
C VAL B 341 -18.97 1.16 27.31
N ASN B 342 -18.17 0.53 28.14
CA ASN B 342 -18.34 -0.88 28.47
CA ASN B 342 -18.43 -0.85 28.48
C ASN B 342 -18.31 -1.06 29.99
N GLY B 343 -18.89 -2.17 30.44
CA GLY B 343 -18.89 -2.53 31.84
C GLY B 343 -17.63 -3.27 32.21
N PHE B 344 -17.72 -4.02 33.29
CA PHE B 344 -16.58 -4.71 33.89
C PHE B 344 -16.71 -6.22 33.70
N LEU B 345 -15.60 -6.91 33.91
CA LEU B 345 -15.58 -8.37 33.85
C LEU B 345 -15.76 -8.95 35.24
N THR B 346 -16.65 -9.95 35.36
CA THR B 346 -16.69 -10.81 36.52
C THR B 346 -16.14 -12.18 36.14
N VAL B 347 -15.74 -12.97 37.13
CA VAL B 347 -15.22 -14.32 36.88
C VAL B 347 -15.96 -15.31 37.76
N ASN B 348 -16.56 -16.32 37.13
CA ASN B 348 -17.41 -17.28 37.82
C ASN B 348 -18.49 -16.58 38.62
N GLY B 349 -19.01 -15.49 38.05
CA GLY B 349 -20.14 -14.79 38.64
C GLY B 349 -19.82 -13.97 39.87
N GLN B 350 -18.55 -13.64 40.09
CA GLN B 350 -18.17 -12.83 41.25
C GLN B 350 -17.13 -11.81 40.82
N LYS B 351 -16.96 -10.78 41.64
CA LYS B 351 -15.88 -9.83 41.39
C LYS B 351 -14.54 -10.54 41.50
N MET B 352 -13.58 -10.10 40.68
CA MET B 352 -12.27 -10.73 40.66
C MET B 352 -11.52 -10.45 41.96
N SER B 353 -10.91 -11.50 42.53
CA SER B 353 -10.20 -11.36 43.79
C SER B 353 -8.92 -12.20 43.75
N LYS B 354 -7.91 -11.74 44.49
CA LYS B 354 -6.66 -12.49 44.59
C LYS B 354 -6.88 -13.83 45.29
N SER B 355 -7.83 -13.89 46.23
CA SER B 355 -8.06 -15.13 46.98
C SER B 355 -8.68 -16.21 46.10
N ARG B 356 -9.72 -15.88 45.35
CA ARG B 356 -10.31 -16.85 44.42
C ARG B 356 -9.43 -17.09 43.21
N GLY B 357 -8.27 -16.42 43.13
CA GLY B 357 -7.36 -16.62 42.01
C GLY B 357 -7.90 -16.11 40.69
N THR B 358 -8.91 -15.24 40.72
CA THR B 358 -9.55 -14.70 39.52
C THR B 358 -9.12 -13.27 39.23
N PHE B 359 -8.28 -12.66 40.07
CA PHE B 359 -7.62 -11.40 39.78
C PHE B 359 -6.32 -11.75 39.05
N ILE B 360 -6.42 -11.89 37.73
CA ILE B 360 -5.37 -12.54 36.95
C ILE B 360 -4.65 -11.49 36.11
N LYS B 361 -3.33 -11.47 36.24
CA LYS B 361 -2.51 -10.61 35.40
C LYS B 361 -2.56 -11.10 33.96
N ALA B 362 -2.63 -10.15 33.03
CA ALA B 362 -2.55 -10.50 31.61
C ALA B 362 -1.35 -11.39 31.34
N GLU B 363 -0.20 -11.05 31.94
CA GLU B 363 1.00 -11.86 31.76
C GLU B 363 0.77 -13.30 32.22
N THR B 364 0.09 -13.49 33.35
CA THR B 364 -0.10 -14.84 33.87
C THR B 364 -0.98 -15.67 32.93
N TYR B 365 -2.04 -15.06 32.39
CA TYR B 365 -2.84 -15.75 31.39
C TYR B 365 -1.95 -16.22 30.23
N LEU B 366 -1.11 -15.32 29.73
CA LEU B 366 -0.29 -15.62 28.55
C LEU B 366 0.73 -16.73 28.83
N GLN B 367 1.10 -16.95 30.09
CA GLN B 367 2.00 -18.04 30.42
C GLN B 367 1.34 -19.40 30.36
N HIS B 368 0.02 -19.47 30.22
CA HIS B 368 -0.70 -20.74 30.26
C HIS B 368 -1.67 -20.99 29.12
N LEU B 369 -2.17 -19.95 28.46
CA LEU B 369 -3.30 -20.11 27.54
C LEU B 369 -3.06 -19.30 26.26
N ASN B 370 -3.65 -19.77 25.17
CA ASN B 370 -3.70 -19.03 23.91
C ASN B 370 -4.56 -17.77 24.09
N PRO B 371 -4.02 -16.58 23.82
CA PRO B 371 -4.84 -15.37 23.97
C PRO B 371 -6.10 -15.35 23.11
N GLU B 372 -6.10 -16.05 21.99
CA GLU B 372 -7.26 -15.99 21.11
C GLU B 372 -8.47 -16.73 21.69
N TYR B 373 -8.25 -17.68 22.61
CA TYR B 373 -9.37 -18.20 23.41
C TYR B 373 -10.14 -17.06 24.04
N LEU B 374 -9.42 -16.15 24.72
CA LEU B 374 -10.08 -15.08 25.45
C LEU B 374 -10.70 -14.06 24.50
N ARG B 375 -10.01 -13.75 23.40
CA ARG B 375 -10.61 -12.85 22.41
C ARG B 375 -11.94 -13.40 21.92
N TYR B 376 -11.99 -14.69 21.61
CA TYR B 376 -13.23 -15.29 21.12
C TYR B 376 -14.31 -15.25 22.19
N TYR B 377 -14.00 -15.71 23.40
CA TYR B 377 -15.02 -15.72 24.46
C TYR B 377 -15.59 -14.32 24.68
N PHE B 378 -14.72 -13.31 24.78
CA PHE B 378 -15.17 -11.93 24.95
C PHE B 378 -16.07 -11.51 23.79
N ALA B 379 -15.63 -11.78 22.56
CA ALA B 379 -16.43 -11.38 21.40
C ALA B 379 -17.81 -12.02 21.46
N SER B 380 -17.90 -13.27 21.94
CA SER B 380 -19.17 -13.97 21.93
C SER B 380 -20.15 -13.39 22.94
N LYS B 381 -19.68 -12.53 23.84
CA LYS B 381 -20.51 -11.89 24.85
C LYS B 381 -20.59 -10.37 24.72
N LEU B 382 -19.64 -9.73 24.05
CA LEU B 382 -19.64 -8.28 23.96
C LEU B 382 -20.79 -7.77 23.10
N SER B 383 -21.44 -6.71 23.54
CA SER B 383 -22.52 -6.09 22.76
C SER B 383 -22.39 -4.58 22.88
N ASP B 384 -23.37 -3.87 22.31
CA ASP B 384 -23.36 -2.41 22.33
C ASP B 384 -23.91 -1.85 23.63
N LYS B 385 -24.48 -2.69 24.47
CA LYS B 385 -25.02 -2.28 25.76
C LYS B 385 -23.89 -2.10 26.77
N VAL B 386 -24.06 -1.15 27.67
CA VAL B 386 -23.11 -0.95 28.77
C VAL B 386 -23.48 -1.96 29.84
N GLU B 387 -22.73 -3.05 29.90
CA GLU B 387 -23.08 -4.16 30.77
C GLU B 387 -21.81 -4.86 31.21
N ASP B 388 -21.89 -5.53 32.35
CA ASP B 388 -20.81 -6.41 32.75
C ASP B 388 -20.86 -7.69 31.92
N SER B 389 -19.70 -8.33 31.77
CA SER B 389 -19.59 -9.64 31.17
C SER B 389 -19.01 -10.59 32.20
N ASP B 390 -19.50 -11.83 32.22
CA ASP B 390 -18.99 -12.83 33.14
C ASP B 390 -18.13 -13.83 32.37
N LEU B 391 -16.94 -14.09 32.91
CA LEU B 391 -16.09 -15.16 32.41
C LEU B 391 -16.27 -16.36 33.32
N ASN B 392 -17.14 -17.30 32.92
CA ASN B 392 -17.25 -18.57 33.59
C ASN B 392 -16.20 -19.51 33.02
N LEU B 393 -15.30 -20.00 33.87
CA LEU B 393 -14.12 -20.71 33.37
C LEU B 393 -14.49 -22.07 32.79
N ASP B 394 -15.44 -22.77 33.42
CA ASP B 394 -15.90 -24.01 32.83
C ASP B 394 -16.58 -23.78 31.48
N ASP B 395 -17.43 -22.75 31.39
CA ASP B 395 -18.07 -22.40 30.14
C ASP B 395 -17.05 -21.92 29.10
N PHE B 396 -15.99 -21.25 29.57
CA PHE B 396 -14.91 -20.79 28.71
C PHE B 396 -14.28 -21.96 27.95
N VAL B 397 -13.93 -23.02 28.66
CA VAL B 397 -13.35 -24.20 28.02
C VAL B 397 -14.32 -24.80 27.01
N GLN B 398 -15.57 -25.02 27.42
CA GLN B 398 -16.51 -25.74 26.57
C GLN B 398 -16.85 -24.95 25.32
N LYS B 399 -17.01 -23.64 25.46
CA LYS B 399 -17.43 -22.79 24.35
C LYS B 399 -16.34 -22.67 23.29
N VAL B 400 -15.12 -22.31 23.71
CA VAL B 400 -14.02 -22.21 22.76
C VAL B 400 -13.78 -23.55 22.08
N ASN B 401 -13.82 -24.65 22.85
CA ASN B 401 -13.55 -25.96 22.27
C ASN B 401 -14.63 -26.36 21.26
N SER B 402 -15.91 -26.19 21.62
CA SER B 402 -16.96 -26.61 20.70
C SER B 402 -16.98 -25.73 19.45
N ASP B 403 -16.93 -24.41 19.63
CA ASP B 403 -17.08 -23.49 18.51
C ASP B 403 -15.86 -23.50 17.59
N LEU B 404 -14.67 -23.38 18.15
CA LEU B 404 -13.50 -23.14 17.32
C LEU B 404 -12.79 -24.44 16.96
N VAL B 405 -12.41 -25.24 17.96
CA VAL B 405 -11.62 -26.44 17.69
C VAL B 405 -12.49 -27.51 17.04
N GLY B 406 -13.65 -27.77 17.60
CA GLY B 406 -14.47 -28.87 17.13
C GLY B 406 -15.39 -28.54 15.97
N LYS B 407 -15.68 -27.26 15.74
CA LYS B 407 -16.61 -26.87 14.69
C LYS B 407 -15.90 -26.12 13.56
N VAL B 408 -15.42 -24.90 13.81
CA VAL B 408 -14.95 -24.07 12.72
C VAL B 408 -13.67 -24.65 12.11
N VAL B 409 -12.67 -24.92 12.94
CA VAL B 409 -11.41 -25.44 12.40
C VAL B 409 -11.61 -26.84 11.81
N ASN B 410 -12.51 -27.64 12.39
CA ASN B 410 -12.69 -28.99 11.88
C ASN B 410 -13.32 -29.00 10.50
N ILE B 411 -14.02 -27.95 10.10
CA ILE B 411 -14.54 -27.87 8.73
C ILE B 411 -13.38 -27.88 7.75
N ALA B 412 -12.34 -27.09 8.01
CA ALA B 412 -11.15 -27.15 7.17
C ALA B 412 -10.52 -28.54 7.20
N SER B 413 -10.35 -29.09 8.41
CA SER B 413 -9.69 -30.38 8.54
C SER B 413 -10.42 -31.47 7.78
N ARG B 414 -11.75 -31.53 7.94
CA ARG B 414 -12.50 -32.65 7.39
C ARG B 414 -12.55 -32.57 5.86
N CYS B 415 -12.45 -31.37 5.30
CA CYS B 415 -12.40 -31.23 3.84
C CYS B 415 -10.99 -31.30 3.29
N ALA B 416 -10.02 -30.68 3.97
CA ALA B 416 -8.66 -30.69 3.47
C ALA B 416 -8.12 -32.10 3.40
N LYS B 417 -8.62 -33.00 4.25
CA LYS B 417 -8.16 -34.38 4.26
C LYS B 417 -8.12 -34.96 2.85
N PHE B 418 -9.20 -34.75 2.09
CA PHE B 418 -9.28 -35.33 0.75
C PHE B 418 -8.50 -34.51 -0.27
N ILE B 419 -8.49 -33.19 -0.12
CA ILE B 419 -7.79 -32.33 -1.07
CA ILE B 419 -7.79 -32.35 -1.09
C ILE B 419 -6.29 -32.60 -1.02
N ASN B 420 -5.72 -32.62 0.19
CA ASN B 420 -4.29 -32.85 0.34
C ASN B 420 -3.89 -34.24 -0.10
N SER B 421 -4.74 -35.24 0.17
CA SER B 421 -4.30 -36.62 -0.04
C SER B 421 -4.52 -37.09 -1.46
N SER B 422 -5.58 -36.65 -2.13
CA SER B 422 -5.96 -37.29 -3.39
C SER B 422 -6.07 -36.35 -4.58
N PHE B 423 -5.97 -35.03 -4.41
CA PHE B 423 -6.26 -34.12 -5.51
C PHE B 423 -5.18 -33.06 -5.69
N ASN B 424 -3.92 -33.42 -5.42
CA ASN B 424 -2.77 -32.56 -5.70
CA ASN B 424 -2.76 -32.56 -5.70
C ASN B 424 -2.92 -31.19 -5.05
N ASN B 425 -3.52 -31.17 -3.86
CA ASN B 425 -3.61 -29.95 -3.05
C ASN B 425 -4.35 -28.80 -3.74
N THR B 426 -5.17 -29.09 -4.74
CA THR B 426 -5.76 -28.05 -5.57
C THR B 426 -7.28 -28.17 -5.57
N LEU B 427 -7.96 -27.07 -5.28
CA LEU B 427 -9.42 -27.06 -5.29
C LEU B 427 -9.96 -27.21 -6.71
N SER B 428 -11.20 -27.70 -6.80
CA SER B 428 -11.85 -27.95 -8.09
C SER B 428 -11.88 -26.69 -8.95
N SER B 429 -11.98 -26.92 -10.27
CA SER B 429 -11.93 -25.85 -11.25
CA SER B 429 -11.93 -25.83 -11.23
C SER B 429 -13.22 -25.04 -11.31
N THR B 430 -14.33 -25.58 -10.80
CA THR B 430 -15.58 -24.84 -10.69
C THR B 430 -16.11 -24.99 -9.27
N CYS B 431 -16.93 -24.02 -8.87
CA CYS B 431 -17.65 -24.12 -7.61
C CYS B 431 -18.96 -24.86 -7.86
N ALA B 432 -19.10 -26.04 -7.24
CA ALA B 432 -20.27 -26.87 -7.51
C ALA B 432 -21.53 -26.42 -6.77
N GLU B 433 -21.41 -25.48 -5.82
CA GLU B 433 -22.54 -24.95 -5.08
C GLU B 433 -22.40 -23.43 -5.04
N SER B 434 -22.51 -22.79 -6.20
CA SER B 434 -22.30 -21.34 -6.27
C SER B 434 -23.31 -20.59 -5.41
N ASP B 435 -24.58 -21.02 -5.43
CA ASP B 435 -25.59 -20.33 -4.63
C ASP B 435 -25.32 -20.48 -3.14
N LEU B 436 -24.85 -21.65 -2.71
CA LEU B 436 -24.56 -21.83 -1.30
C LEU B 436 -23.38 -20.96 -0.87
N VAL B 437 -22.30 -20.98 -1.64
CA VAL B 437 -21.17 -20.11 -1.32
C VAL B 437 -21.60 -18.64 -1.38
N GLN B 438 -22.41 -18.27 -2.39
CA GLN B 438 -22.87 -16.89 -2.48
C GLN B 438 -23.71 -16.50 -1.27
N SER B 439 -24.48 -17.43 -0.73
CA SER B 439 -25.24 -17.14 0.49
CA SER B 439 -25.25 -17.13 0.49
C SER B 439 -24.32 -16.82 1.65
N PHE B 440 -23.20 -17.55 1.76
CA PHE B 440 -22.22 -17.24 2.81
C PHE B 440 -21.57 -15.89 2.57
N ILE B 441 -21.29 -15.56 1.31
CA ILE B 441 -20.76 -14.23 0.99
C ILE B 441 -21.76 -13.15 1.40
N ASP B 442 -23.03 -13.34 1.02
CA ASP B 442 -24.04 -12.33 1.31
C ASP B 442 -24.30 -12.19 2.79
N ALA B 443 -24.14 -13.27 3.56
CA ALA B 443 -24.25 -13.16 5.01
C ALA B 443 -23.24 -12.16 5.57
N GLY B 444 -22.22 -11.79 4.80
CA GLY B 444 -21.21 -10.87 5.31
C GLY B 444 -21.73 -9.48 5.58
N ASP B 445 -22.80 -9.06 4.88
CA ASP B 445 -23.31 -7.71 5.12
C ASP B 445 -23.84 -7.57 6.54
N SER B 446 -24.60 -8.57 7.01
CA SER B 446 -25.08 -8.56 8.39
C SER B 446 -23.92 -8.64 9.38
N ILE B 447 -22.92 -9.46 9.07
CA ILE B 447 -21.78 -9.59 10.00
C ILE B 447 -20.98 -8.30 10.06
N ALA B 448 -20.74 -7.68 8.90
CA ALA B 448 -20.01 -6.41 8.89
C ALA B 448 -20.77 -5.35 9.66
N ALA B 449 -22.09 -5.28 9.46
CA ALA B 449 -22.90 -4.31 10.19
C ALA B 449 -22.85 -4.56 11.70
N ALA B 450 -22.89 -5.81 12.12
CA ALA B 450 -22.81 -6.12 13.55
C ALA B 450 -21.46 -5.68 14.13
N TYR B 451 -20.36 -5.96 13.43
CA TYR B 451 -19.06 -5.52 13.91
C TYR B 451 -19.02 -4.00 14.07
N GLU B 452 -19.50 -3.27 13.05
CA GLU B 452 -19.45 -1.82 13.12
C GLU B 452 -20.31 -1.29 14.26
N ALA B 453 -21.43 -1.95 14.55
CA ALA B 453 -22.32 -1.53 15.64
C ALA B 453 -21.84 -2.01 16.99
N ARG B 454 -20.67 -2.63 17.06
CA ARG B 454 -20.13 -3.23 18.29
C ARG B 454 -21.00 -4.37 18.80
N GLU B 455 -21.81 -4.96 17.92
CA GLU B 455 -22.66 -6.09 18.30
C GLU B 455 -21.92 -7.40 18.05
N PHE B 456 -20.82 -7.56 18.79
CA PHE B 456 -19.92 -8.68 18.54
C PHE B 456 -20.60 -10.01 18.81
N SER B 457 -21.38 -10.09 19.89
CA SER B 457 -22.10 -11.33 20.20
C SER B 457 -23.00 -11.74 19.03
N THR B 458 -23.63 -10.77 18.38
CA THR B 458 -24.43 -11.07 17.20
C THR B 458 -23.57 -11.58 16.05
N ALA B 459 -22.43 -10.92 15.80
CA ALA B 459 -21.54 -11.36 14.74
C ALA B 459 -21.12 -12.81 14.95
N ILE B 460 -20.76 -13.16 16.20
CA ILE B 460 -20.28 -14.51 16.47
C ILE B 460 -21.41 -15.53 16.27
N ARG B 461 -22.60 -15.23 16.80
CA ARG B 461 -23.72 -16.14 16.60
C ARG B 461 -24.00 -16.33 15.12
N GLU B 462 -23.90 -15.27 14.32
CA GLU B 462 -24.18 -15.39 12.89
C GLU B 462 -23.12 -16.23 12.19
N ILE B 463 -21.86 -16.04 12.56
CA ILE B 463 -20.79 -16.87 12.01
C ILE B 463 -21.00 -18.33 12.39
N MET B 464 -21.34 -18.59 13.66
CA MET B 464 -21.54 -19.97 14.07
C MET B 464 -22.73 -20.60 13.37
N ALA B 465 -23.77 -19.82 13.06
CA ALA B 465 -24.87 -20.34 12.28
C ALA B 465 -24.39 -20.77 10.89
N LEU B 466 -23.53 -19.96 10.29
CA LEU B 466 -22.94 -20.30 9.00
C LEU B 466 -22.12 -21.59 9.11
N ALA B 467 -21.34 -21.73 10.18
CA ALA B 467 -20.54 -22.95 10.33
C ALA B 467 -21.44 -24.16 10.45
N ASP B 468 -22.58 -24.02 11.14
CA ASP B 468 -23.52 -25.13 11.21
C ASP B 468 -24.05 -25.50 9.84
N ARG B 469 -24.36 -24.50 9.01
CA ARG B 469 -24.81 -24.80 7.66
C ARG B 469 -23.71 -25.48 6.86
N ALA B 470 -22.45 -25.11 7.12
CA ALA B 470 -21.35 -25.75 6.39
C ALA B 470 -21.21 -27.22 6.78
N ASN B 471 -21.28 -27.51 8.09
CA ASN B 471 -21.27 -28.90 8.52
C ASN B 471 -22.46 -29.67 7.96
N GLN B 472 -23.63 -29.03 7.94
CA GLN B 472 -24.82 -29.67 7.39
CA GLN B 472 -24.81 -29.69 7.40
C GLN B 472 -24.63 -30.04 5.92
N TYR B 473 -24.05 -29.13 5.14
CA TYR B 473 -23.79 -29.43 3.73
C TYR B 473 -22.82 -30.60 3.60
N ILE B 474 -21.73 -30.58 4.36
CA ILE B 474 -20.76 -31.66 4.25
C ILE B 474 -21.39 -32.97 4.66
N ASP B 475 -22.21 -32.92 5.72
CA ASP B 475 -22.85 -34.14 6.22
C ASP B 475 -23.85 -34.70 5.23
N GLU B 476 -24.54 -33.85 4.46
CA GLU B 476 -25.46 -34.36 3.47
CA GLU B 476 -25.46 -34.36 3.46
C GLU B 476 -24.72 -35.03 2.32
N LYS B 477 -23.60 -34.44 1.89
CA LYS B 477 -22.86 -34.94 0.74
C LYS B 477 -21.97 -36.14 1.07
N LYS B 478 -21.54 -36.31 2.31
CA LYS B 478 -20.78 -37.48 2.73
C LYS B 478 -19.56 -37.75 1.84
N PRO B 479 -18.59 -36.83 1.81
CA PRO B 479 -17.38 -37.11 1.02
C PRO B 479 -16.70 -38.39 1.42
N TRP B 480 -16.82 -38.83 2.68
CA TRP B 480 -16.21 -40.08 3.10
C TRP B 480 -16.82 -41.27 2.36
N ALA B 481 -18.14 -41.24 2.14
CA ALA B 481 -18.78 -42.30 1.38
C ALA B 481 -18.46 -42.18 -0.10
N LEU B 482 -18.51 -40.96 -0.63
CA LEU B 482 -18.20 -40.73 -2.05
C LEU B 482 -16.81 -41.27 -2.41
N ALA B 483 -15.85 -41.09 -1.51
CA ALA B 483 -14.48 -41.52 -1.76
C ALA B 483 -14.36 -43.04 -1.84
N LYS B 484 -15.36 -43.78 -1.37
CA LYS B 484 -15.34 -45.22 -1.45
C LYS B 484 -16.32 -45.76 -2.49
N GLN B 485 -16.83 -44.91 -3.36
CA GLN B 485 -17.76 -45.33 -4.39
C GLN B 485 -17.09 -45.23 -5.76
N GLU B 486 -17.47 -46.16 -6.64
CA GLU B 486 -16.99 -46.15 -8.02
C GLU B 486 -17.33 -44.85 -8.71
N GLY B 487 -16.30 -44.20 -9.27
CA GLY B 487 -16.45 -43.08 -10.20
C GLY B 487 -16.78 -41.73 -9.60
N GLN B 488 -16.64 -41.55 -8.28
CA GLN B 488 -17.11 -40.34 -7.62
C GLN B 488 -15.97 -39.40 -7.25
N GLU B 489 -14.78 -39.59 -7.83
CA GLU B 489 -13.63 -38.76 -7.46
C GLU B 489 -13.91 -37.27 -7.67
N GLN B 490 -14.51 -36.91 -8.83
CA GLN B 490 -14.76 -35.50 -9.07
C GLN B 490 -15.75 -34.94 -8.05
N GLN B 491 -16.72 -35.76 -7.62
CA GLN B 491 -17.67 -35.25 -6.65
C GLN B 491 -17.02 -35.07 -5.29
N VAL B 492 -16.11 -35.97 -4.90
CA VAL B 492 -15.35 -35.76 -3.67
C VAL B 492 -14.64 -34.42 -3.72
N LEU B 493 -13.91 -34.17 -4.81
CA LEU B 493 -13.23 -32.88 -4.96
C LEU B 493 -14.21 -31.72 -4.92
N ASP B 494 -15.31 -31.79 -5.68
CA ASP B 494 -16.25 -30.68 -5.71
C ASP B 494 -16.81 -30.38 -4.32
N VAL B 495 -17.18 -31.42 -3.59
CA VAL B 495 -17.78 -31.24 -2.26
C VAL B 495 -16.76 -30.64 -1.30
N CYS B 496 -15.56 -31.19 -1.27
CA CYS B 496 -14.56 -30.70 -0.33
C CYS B 496 -14.11 -29.30 -0.71
N SER B 497 -14.12 -28.98 -2.00
CA SER B 497 -13.78 -27.62 -2.44
C SER B 497 -14.83 -26.62 -2.00
N VAL B 498 -16.11 -26.99 -2.07
CA VAL B 498 -17.15 -26.12 -1.50
C VAL B 498 -16.90 -25.95 -0.01
N GLY B 499 -16.62 -27.05 0.68
CA GLY B 499 -16.38 -26.97 2.12
C GLY B 499 -15.26 -26.02 2.47
N ILE B 500 -14.15 -26.08 1.71
CA ILE B 500 -13.05 -25.14 1.94
C ILE B 500 -13.51 -23.71 1.67
N ASN B 501 -14.30 -23.50 0.62
CA ASN B 501 -14.78 -22.15 0.34
C ASN B 501 -15.69 -21.64 1.45
N LEU B 502 -16.52 -22.53 2.03
CA LEU B 502 -17.33 -22.09 3.17
C LEU B 502 -16.45 -21.76 4.36
N PHE B 503 -15.45 -22.61 4.62
CA PHE B 503 -14.52 -22.35 5.71
C PHE B 503 -13.81 -21.01 5.52
N ARG B 504 -13.41 -20.72 4.27
CA ARG B 504 -12.73 -19.47 4.00
C ARG B 504 -13.59 -18.27 4.38
N GLN B 505 -14.89 -18.33 4.08
CA GLN B 505 -15.79 -17.25 4.49
C GLN B 505 -15.82 -17.10 6.00
N LEU B 506 -16.00 -18.20 6.73
CA LEU B 506 -15.96 -18.16 8.20
C LEU B 506 -14.68 -17.52 8.71
N ALA B 507 -13.54 -17.86 8.11
CA ALA B 507 -12.28 -17.36 8.64
C ALA B 507 -12.10 -15.88 8.37
N VAL B 508 -12.56 -15.42 7.20
CA VAL B 508 -12.56 -13.98 6.93
C VAL B 508 -13.43 -13.26 7.94
N TYR B 509 -14.61 -13.80 8.24
CA TYR B 509 -15.51 -13.15 9.17
C TYR B 509 -14.97 -13.16 10.60
N LEU B 510 -14.22 -14.18 10.98
CA LEU B 510 -13.64 -14.25 12.31
C LEU B 510 -12.30 -13.51 12.45
N ALA B 511 -11.71 -13.07 11.36
CA ALA B 511 -10.37 -12.49 11.43
C ALA B 511 -10.23 -11.32 12.41
N PRO B 512 -11.18 -10.41 12.55
CA PRO B 512 -11.03 -9.35 13.57
C PRO B 512 -10.89 -9.89 14.99
N VAL B 513 -11.57 -11.00 15.28
CA VAL B 513 -11.55 -11.58 16.62
C VAL B 513 -10.34 -12.49 16.78
N LEU B 514 -9.94 -13.19 15.72
CA LEU B 514 -8.86 -14.17 15.78
C LEU B 514 -7.80 -13.84 14.73
N PRO B 515 -7.04 -12.76 14.93
CA PRO B 515 -6.08 -12.36 13.88
C PRO B 515 -4.96 -13.38 13.66
N THR B 516 -4.54 -14.10 14.70
CA THR B 516 -3.48 -15.08 14.50
C THR B 516 -4.00 -16.29 13.75
N LEU B 517 -5.18 -16.78 14.11
CA LEU B 517 -5.80 -17.84 13.33
CA LEU B 517 -5.81 -17.84 13.33
C LEU B 517 -6.00 -17.40 11.88
N ALA B 518 -6.39 -16.15 11.67
CA ALA B 518 -6.61 -15.66 10.32
C ALA B 518 -5.32 -15.71 9.50
N GLN B 519 -4.21 -15.24 10.09
CA GLN B 519 -2.94 -15.30 9.38
C GLN B 519 -2.54 -16.75 9.07
N GLN B 520 -2.82 -17.68 9.98
CA GLN B 520 -2.54 -19.09 9.72
C GLN B 520 -3.42 -19.62 8.59
N VAL B 521 -4.68 -19.16 8.51
CA VAL B 521 -5.55 -19.59 7.43
C VAL B 521 -5.09 -19.00 6.11
N GLN B 522 -4.61 -17.75 6.11
CA GLN B 522 -4.01 -17.19 4.90
C GLN B 522 -2.86 -18.04 4.41
N ASP B 523 -2.01 -18.52 5.33
CA ASP B 523 -0.93 -19.40 4.92
C ASP B 523 -1.49 -20.70 4.37
N PHE B 524 -2.47 -21.28 5.06
CA PHE B 524 -3.04 -22.56 4.65
C PHE B 524 -3.70 -22.45 3.28
N LEU B 525 -4.51 -21.42 3.07
CA LEU B 525 -5.24 -21.28 1.81
C LEU B 525 -4.48 -20.50 0.76
N LYS B 526 -3.25 -20.07 1.05
CA LYS B 526 -2.43 -19.28 0.13
C LYS B 526 -3.21 -18.08 -0.39
N LEU B 527 -3.60 -17.22 0.55
CA LEU B 527 -4.36 -16.00 0.27
C LEU B 527 -3.57 -14.82 0.78
N GLU B 528 -3.24 -13.90 -0.12
CA GLU B 528 -2.54 -12.67 0.26
C GLU B 528 -3.49 -11.63 0.85
N SER B 529 -4.76 -11.66 0.46
CA SER B 529 -5.74 -10.71 0.94
C SER B 529 -6.79 -11.43 1.77
N PHE B 530 -7.26 -10.76 2.82
CA PHE B 530 -8.19 -11.43 3.73
C PHE B 530 -9.20 -10.43 4.28
N ASP B 531 -9.37 -9.28 3.64
CA ASP B 531 -10.37 -8.31 4.06
C ASP B 531 -11.75 -8.75 3.55
N PHE B 532 -12.78 -7.97 3.87
CA PHE B 532 -14.13 -8.43 3.49
C PHE B 532 -14.32 -8.45 1.99
N GLU B 533 -13.81 -7.45 1.27
CA GLU B 533 -13.96 -7.46 -0.20
C GLU B 533 -13.39 -8.74 -0.79
N SER B 534 -12.25 -9.19 -0.27
CA SER B 534 -11.55 -10.33 -0.87
C SER B 534 -12.37 -11.61 -0.83
N ARG B 535 -13.33 -11.73 0.07
CA ARG B 535 -14.13 -12.95 0.16
C ARG B 535 -14.99 -13.18 -1.09
N LYS B 536 -15.22 -12.17 -1.91
CA LYS B 536 -16.00 -12.37 -3.12
C LYS B 536 -15.25 -13.17 -4.17
N GLN B 537 -13.94 -13.40 -3.97
CA GLN B 537 -13.14 -14.22 -4.88
C GLN B 537 -13.30 -15.67 -4.47
N ILE B 538 -14.19 -16.39 -5.15
CA ILE B 538 -14.38 -17.81 -4.84
C ILE B 538 -13.17 -18.59 -5.31
N LEU B 539 -12.69 -19.51 -4.47
CA LEU B 539 -11.44 -20.20 -4.75
C LEU B 539 -11.69 -21.36 -5.70
N VAL B 540 -11.13 -21.29 -6.91
CA VAL B 540 -11.20 -22.35 -7.89
C VAL B 540 -9.83 -22.57 -8.49
N SER B 541 -9.54 -23.80 -8.90
CA SER B 541 -8.24 -24.17 -9.47
C SER B 541 -7.11 -23.62 -8.61
N HIS B 542 -7.30 -23.73 -7.30
CA HIS B 542 -6.55 -22.95 -6.32
C HIS B 542 -5.77 -23.87 -5.40
N GLU B 543 -4.44 -23.78 -5.47
CA GLU B 543 -3.59 -24.64 -4.66
C GLU B 543 -3.63 -24.19 -3.19
N ILE B 544 -3.73 -25.16 -2.28
CA ILE B 544 -3.65 -24.90 -0.85
C ILE B 544 -2.47 -25.67 -0.29
N ALA B 545 -2.11 -25.33 0.95
CA ALA B 545 -1.02 -26.01 1.64
C ALA B 545 -1.54 -27.28 2.29
N GLN B 546 -0.60 -28.10 2.76
CA GLN B 546 -0.97 -29.21 3.63
C GLN B 546 -1.60 -28.65 4.90
N PHE B 547 -2.79 -29.14 5.23
CA PHE B 547 -3.47 -28.67 6.43
C PHE B 547 -2.72 -29.12 7.68
N GLN B 548 -2.58 -28.22 8.64
CA GLN B 548 -2.13 -28.61 9.96
C GLN B 548 -3.04 -27.97 11.00
N PRO B 549 -3.24 -28.64 12.15
CA PRO B 549 -4.11 -28.10 13.19
C PRO B 549 -3.80 -26.64 13.47
N LEU B 550 -4.85 -25.84 13.55
CA LEU B 550 -4.73 -24.40 13.69
C LEU B 550 -4.85 -23.92 15.13
N MET B 551 -5.35 -24.77 16.03
CA MET B 551 -5.62 -24.34 17.40
C MET B 551 -5.77 -25.58 18.26
N GLN B 552 -5.06 -25.62 19.38
CA GLN B 552 -5.21 -26.72 20.31
C GLN B 552 -6.38 -26.43 21.25
N ARG B 553 -7.00 -27.49 21.76
CA ARG B 553 -8.13 -27.34 22.67
C ARG B 553 -7.71 -26.63 23.96
N VAL B 554 -8.66 -25.94 24.57
CA VAL B 554 -8.41 -25.34 25.88
C VAL B 554 -8.29 -26.46 26.90
N ASP B 555 -7.17 -26.48 27.61
CA ASP B 555 -6.90 -27.54 28.57
C ASP B 555 -7.36 -27.11 29.95
N PRO B 556 -8.37 -27.77 30.54
CA PRO B 556 -8.84 -27.37 31.88
C PRO B 556 -7.72 -27.26 32.90
N LYS B 557 -6.72 -28.14 32.81
CA LYS B 557 -5.57 -28.06 33.69
C LYS B 557 -4.78 -26.77 33.50
N ALA B 558 -4.73 -26.27 32.26
CA ALA B 558 -4.01 -25.02 32.01
C ALA B 558 -4.75 -23.85 32.63
N VAL B 559 -6.08 -23.83 32.52
CA VAL B 559 -6.87 -22.81 33.21
C VAL B 559 -6.59 -22.84 34.70
N ALA B 560 -6.59 -24.04 35.28
CA ALA B 560 -6.37 -24.19 36.72
C ALA B 560 -4.97 -23.75 37.12
N ALA B 561 -3.97 -24.06 36.29
CA ALA B 561 -2.62 -23.58 36.55
C ALA B 561 -2.57 -22.05 36.57
N MET B 562 -3.36 -21.41 35.70
CA MET B 562 -3.42 -19.95 35.68
C MET B 562 -4.07 -19.40 36.95
N VAL B 563 -5.20 -20.00 37.34
CA VAL B 563 -5.86 -19.59 38.57
C VAL B 563 -4.91 -19.73 39.76
N ASP B 564 -4.24 -20.88 39.85
CA ASP B 564 -3.37 -21.15 41.00
C ASP B 564 -2.16 -20.22 41.02
N ALA B 565 -1.62 -19.90 39.85
CA ALA B 565 -0.53 -18.93 39.77
C ALA B 565 -0.96 -17.54 40.19
N SER B 566 -2.26 -17.27 40.22
CA SER B 566 -2.78 -15.94 40.55
C SER B 566 -3.25 -15.84 41.99
N LYS B 567 -3.20 -16.93 42.75
CA LYS B 567 -3.67 -16.95 44.14
C LYS B 567 -2.61 -16.34 45.05
NA NA C . 10.15 9.94 -17.78
ZN ZN D . -20.04 17.47 -24.53
N MET E . -1.51 -1.59 -28.52
CA MET E . -1.78 -0.73 -27.38
C MET E . -1.61 0.73 -27.74
O MET E . -2.06 1.63 -27.02
CB MET E . -0.85 -1.06 -26.20
CG MET E . -1.02 -2.44 -25.65
SD MET E . 0.06 -2.69 -24.25
CE MET E . -0.55 -4.27 -23.67
OXT MET E . -1.00 1.06 -28.75
C1 EDO F . -21.38 -15.72 -15.71
O1 EDO F . -20.78 -16.53 -14.70
C2 EDO F . -20.61 -15.86 -17.02
O2 EDO F . -21.19 -16.92 -17.80
C1 EDO G . 37.08 -8.66 -16.94
O1 EDO G . 38.18 -8.15 -17.72
C2 EDO G . 37.30 -8.33 -15.47
O2 EDO G . 36.06 -8.48 -14.77
C1 EDO H . -8.72 -9.72 -3.54
O1 EDO H . -8.42 -11.06 -3.95
C2 EDO H . -9.93 -9.21 -4.30
O2 EDO H . -10.40 -8.03 -3.64
N NO3 I . -14.49 -4.50 -41.04
O1 NO3 I . -13.46 -3.80 -40.78
O2 NO3 I . -14.46 -5.76 -40.92
O3 NO3 I . -15.54 -3.92 -41.43
N NO3 J . -14.22 0.43 -28.83
O1 NO3 J . -14.58 1.42 -28.13
O2 NO3 J . -14.04 -0.70 -28.28
O3 NO3 J . -14.06 0.55 -30.08
N NO3 K . -17.23 9.61 -39.85
O1 NO3 K . -18.39 9.18 -40.12
O2 NO3 K . -16.22 8.95 -40.23
O3 NO3 K . -17.08 10.68 -39.21
N NO3 L . -11.06 3.29 -19.84
O1 NO3 L . -11.16 4.52 -19.55
O2 NO3 L . -11.92 2.47 -19.43
O3 NO3 L . -10.09 2.88 -20.55
N NO3 M . -15.43 14.46 -37.73
O1 NO3 M . -14.86 14.31 -36.62
O2 NO3 M . -15.49 15.61 -38.25
O3 NO3 M . -15.92 13.46 -38.34
N NO3 N . -2.59 -4.98 -52.95
O1 NO3 N . -3.40 -4.22 -52.33
O2 NO3 N . -2.29 -6.13 -52.49
O3 NO3 N . -2.07 -4.56 -54.02
NA NA O . -20.73 -3.48 25.72
ZN ZN P . -21.64 8.89 55.10
N MET Q . -5.57 6.12 33.78
CA MET Q . -7.01 6.31 33.89
C MET Q . -7.64 5.13 34.63
O MET Q . -8.78 5.18 35.04
CB MET Q . -7.66 6.46 32.53
CG MET Q . -7.13 7.62 31.71
SD MET Q . -8.04 7.72 30.16
CE MET Q . -7.48 9.34 29.57
OXT MET Q . -7.01 4.10 34.77
N NO3 R . -19.47 -18.27 -9.35
O1 NO3 R . -19.39 -18.53 -10.59
O2 NO3 R . -19.81 -17.13 -8.95
O3 NO3 R . -19.20 -19.18 -8.50
N NO3 S . 4.65 -1.67 39.09
O1 NO3 S . 4.01 -1.85 40.17
O2 NO3 S . 5.56 -0.79 39.02
O3 NO3 S . 4.38 -2.38 38.07
N NO3 T . -9.57 1.45 55.72
O1 NO3 T . -9.97 0.56 56.54
O2 NO3 T . -10.23 1.71 54.68
O3 NO3 T . -8.48 2.06 55.93
N NO3 U . -4.83 4.45 55.83
O1 NO3 U . -4.23 3.98 54.83
O2 NO3 U . -4.27 5.32 56.56
O3 NO3 U . -6.00 4.03 56.10
N NO3 V . -15.44 13.64 39.32
O1 NO3 V . -15.75 12.50 38.86
O2 NO3 V . -14.28 14.12 39.08
O3 NO3 V . -16.27 14.31 40.00
N NO3 W . -19.26 10.84 39.71
O1 NO3 W . -19.19 12.10 39.86
O2 NO3 W . -18.21 10.13 39.74
O3 NO3 W . -20.39 10.29 39.52
N NO3 X . 0.47 -21.26 25.70
O1 NO3 X . 1.34 -21.08 26.59
O2 NO3 X . -0.44 -22.12 25.87
O3 NO3 X . 0.51 -20.59 24.63
#